data_4A79
#
_entry.id   4A79
#
_cell.length_a   131.920
_cell.length_b   223.670
_cell.length_c   86.780
_cell.angle_alpha   90.00
_cell.angle_beta   90.00
_cell.angle_gamma   90.00
#
_symmetry.space_group_name_H-M   'C 2 2 2'
#
loop_
_entity.id
_entity.type
_entity.pdbx_description
1 polymer 'AMINE OXIDASE [FLAVIN-CONTAINING] B'
2 non-polymer 'FLAVIN-ADENINE DINUCLEOTIDE'
3 non-polymer (5R)-5-{4-[2-(5-ethylpyridin-2-yl)ethoxy]benzyl}-1,3-thiazolidine-2,4-dione
4 water water
#
_entity_poly.entity_id   1
_entity_poly.type   'polypeptide(L)'
_entity_poly.pdbx_seq_one_letter_code
;MSNKCDVVVVGGGISGMAAAKLLHDSGLNVVVLEARDRVGGRTYTLRNQKVKYVDLGGSYVGPTQNRILRLAKELGLETY
KVNEVERLIHHVKGKSYPFRGPFPPVWNPITYLDHNNFWRTMDDMGREIPSDAPWKAPLAEEWDNMTMKELLDKLCWTES
AKQLATLFVNLCVTAETHEVSALWFLWYVKQCGGTTRIISTTNGGQERKFVGGSGQVSERIMDLLGDRVKLERPVIYIDQ
TRENVLVETLNHEMYEAKYVISAIPPTLGMKIHFNPPLPMMRNQMITRVPLGSVIKCIVYYKEPFWRKKDYCGTMIIDGE
EAPVAYTLDDTKPEGNYAAIMGFILAHKARKLARLTKEERLKKLCELYAKVLGSLEALEPVHYEEKNWCEEQYSGGCYTT
YFPPGILTQYGRVLRQPVDRIYFAGTETATHWSGYMEGAVEAGERAAREILHAMGKIPEDEIWQSEPESVDVPAQPITTT
FLERHLPSVPGLLRLIGLTTIFSATALGFLAHKRGLLVRV
;
_entity_poly.pdbx_strand_id   A,B
#
loop_
_chem_comp.id
_chem_comp.type
_chem_comp.name
_chem_comp.formula
FAD non-polymer 'FLAVIN-ADENINE DINUCLEOTIDE' 'C27 H33 N9 O15 P2'
P1B non-polymer (5R)-5-{4-[2-(5-ethylpyridin-2-yl)ethoxy]benzyl}-1,3-thiazolidine-2,4-dione 'C19 H20 N2 O3 S'
#
# COMPACT_ATOMS: atom_id res chain seq x y z
N ASN A 3 -5.05 -10.43 34.79
CA ASN A 3 -4.58 -9.44 33.78
C ASN A 3 -3.06 -9.22 33.77
N LYS A 4 -2.35 -9.87 34.69
CA LYS A 4 -0.88 -9.76 34.78
C LYS A 4 -0.20 -10.99 34.18
N CYS A 5 0.82 -10.77 33.37
CA CYS A 5 1.63 -11.86 32.79
C CYS A 5 3.03 -11.39 32.36
N ASP A 6 3.87 -12.33 31.92
CA ASP A 6 5.21 -12.00 31.44
C ASP A 6 5.19 -11.46 30.01
N VAL A 7 4.45 -12.14 29.13
CA VAL A 7 4.37 -11.77 27.70
C VAL A 7 2.94 -11.87 27.18
N VAL A 8 2.48 -10.83 26.50
CA VAL A 8 1.22 -10.88 25.77
C VAL A 8 1.54 -11.14 24.28
N VAL A 9 0.88 -12.13 23.70
CA VAL A 9 1.01 -12.42 22.26
C VAL A 9 -0.26 -11.95 21.56
N VAL A 10 -0.10 -11.04 20.61
CA VAL A 10 -1.23 -10.53 19.86
C VAL A 10 -1.38 -11.35 18.58
N GLY A 11 -2.45 -12.14 18.53
CA GLY A 11 -2.70 -13.02 17.39
C GLY A 11 -2.49 -14.49 17.68
N GLY A 12 -3.51 -15.30 17.41
CA GLY A 12 -3.46 -16.74 17.64
C GLY A 12 -3.43 -17.56 16.37
N GLY A 13 -2.70 -17.09 15.36
CA GLY A 13 -2.40 -17.92 14.19
C GLY A 13 -1.21 -18.80 14.54
N ILE A 14 -0.72 -19.56 13.56
CA ILE A 14 0.42 -20.45 13.81
C ILE A 14 1.63 -19.74 14.42
N SER A 15 1.95 -18.53 13.95
CA SER A 15 3.09 -17.77 14.47
C SER A 15 2.96 -17.38 15.95
N GLY A 16 1.82 -16.79 16.32
CA GLY A 16 1.58 -16.43 17.71
C GLY A 16 1.54 -17.65 18.61
N MET A 17 0.91 -18.73 18.14
CA MET A 17 0.79 -19.97 18.91
C MET A 17 2.14 -20.66 19.10
N ALA A 18 2.98 -20.66 18.06
CA ALA A 18 4.36 -21.19 18.17
C ALA A 18 5.19 -20.39 19.17
N ALA A 19 5.08 -19.07 19.11
CA ALA A 19 5.77 -18.18 20.05
C ALA A 19 5.31 -18.45 21.49
N ALA A 20 3.99 -18.50 21.69
CA ALA A 20 3.41 -18.69 23.01
C ALA A 20 3.83 -20.04 23.60
N LYS A 21 3.83 -21.07 22.77
CA LYS A 21 4.22 -22.41 23.21
C LYS A 21 5.68 -22.43 23.69
N LEU A 22 6.58 -21.78 22.93
CA LEU A 22 7.99 -21.75 23.29
C LEU A 22 8.19 -21.04 24.64
N LEU A 23 7.57 -19.87 24.79
CA LEU A 23 7.64 -19.11 26.04
C LEU A 23 7.06 -19.89 27.24
N HIS A 24 5.90 -20.51 27.03
CA HIS A 24 5.23 -21.35 28.04
C HIS A 24 6.14 -22.50 28.48
N ASP A 25 6.70 -23.20 27.49
CA ASP A 25 7.64 -24.31 27.72
C ASP A 25 8.90 -23.85 28.46
N SER A 26 9.26 -22.58 28.29
CA SER A 26 10.44 -22.00 28.96
C SER A 26 10.14 -21.58 30.40
N GLY A 27 8.89 -21.72 30.83
CA GLY A 27 8.50 -21.40 32.20
C GLY A 27 7.92 -20.01 32.40
N LEU A 28 7.66 -19.29 31.31
CA LEU A 28 7.04 -17.96 31.42
C LEU A 28 5.52 -18.03 31.39
N ASN A 29 4.89 -17.00 31.96
CA ASN A 29 3.44 -16.84 31.94
C ASN A 29 3.01 -16.03 30.73
N VAL A 30 2.31 -16.70 29.81
CA VAL A 30 1.86 -16.06 28.56
C VAL A 30 0.34 -15.95 28.48
N VAL A 31 -0.11 -14.93 27.74
CA VAL A 31 -1.49 -14.80 27.33
C VAL A 31 -1.50 -14.56 25.82
N VAL A 32 -2.41 -15.23 25.12
CA VAL A 32 -2.65 -15.00 23.67
C VAL A 32 -3.97 -14.25 23.50
N LEU A 33 -3.91 -13.06 22.89
CA LEU A 33 -5.12 -12.30 22.61
C LEU A 33 -5.50 -12.44 21.14
N GLU A 34 -6.61 -13.13 20.89
CA GLU A 34 -7.04 -13.42 19.52
C GLU A 34 -8.37 -12.74 19.19
N ALA A 35 -8.38 -11.99 18.09
CA ALA A 35 -9.55 -11.24 17.65
C ALA A 35 -10.77 -12.11 17.34
N ARG A 36 -10.56 -13.26 16.69
CA ARG A 36 -11.66 -14.10 16.22
C ARG A 36 -12.19 -15.04 17.32
N ASP A 37 -13.31 -15.69 17.03
CA ASP A 37 -13.88 -16.72 17.91
C ASP A 37 -13.19 -18.09 17.72
N ARG A 38 -12.04 -18.08 17.06
CA ARG A 38 -11.27 -19.29 16.77
C ARG A 38 -9.79 -18.94 16.69
N VAL A 39 -8.93 -19.96 16.86
CA VAL A 39 -7.51 -19.83 16.50
C VAL A 39 -7.25 -20.33 15.07
N GLY A 40 -6.04 -20.08 14.56
CA GLY A 40 -5.64 -20.58 13.24
C GLY A 40 -5.36 -19.50 12.19
N GLY A 41 -6.08 -18.38 12.29
CA GLY A 41 -5.87 -17.22 11.38
C GLY A 41 -6.07 -17.52 9.91
N ARG A 42 -4.97 -17.43 9.14
CA ARG A 42 -4.98 -17.75 7.72
C ARG A 42 -5.02 -19.27 7.42
N THR A 43 -5.00 -20.09 8.48
CA THR A 43 -5.39 -21.49 8.37
C THR A 43 -6.79 -21.64 8.96
N TYR A 44 -7.62 -22.45 8.31
CA TYR A 44 -8.98 -22.72 8.76
C TYR A 44 -9.44 -24.04 8.18
N THR A 45 -9.73 -24.99 9.07
CA THR A 45 -10.20 -26.31 8.66
C THR A 45 -11.69 -26.40 8.97
N LEU A 46 -12.51 -26.41 7.91
CA LEU A 46 -13.97 -26.58 8.05
C LEU A 46 -14.29 -28.07 8.24
N ARG A 47 -15.15 -28.38 9.22
CA ARG A 47 -15.64 -29.75 9.38
C ARG A 47 -17.16 -29.81 9.24
N ASN A 48 -17.61 -30.72 8.38
CA ASN A 48 -19.03 -31.08 8.26
C ASN A 48 -19.14 -32.47 7.66
N GLN A 49 -20.36 -32.99 7.58
CA GLN A 49 -20.57 -34.38 7.18
C GLN A 49 -20.28 -34.62 5.70
N LYS A 50 -20.48 -33.60 4.88
CA LYS A 50 -20.29 -33.72 3.44
C LYS A 50 -18.82 -33.79 3.01
N VAL A 51 -17.95 -33.12 3.75
CA VAL A 51 -16.52 -33.03 3.40
C VAL A 51 -15.60 -33.77 4.39
N LYS A 52 -16.18 -34.15 5.53
CA LYS A 52 -15.41 -34.61 6.72
C LYS A 52 -14.57 -33.45 7.29
N TYR A 53 -13.47 -33.11 6.60
CA TYR A 53 -12.68 -31.92 6.91
C TYR A 53 -12.14 -31.33 5.62
N VAL A 54 -11.88 -30.02 5.61
CA VAL A 54 -11.25 -29.38 4.45
C VAL A 54 -10.54 -28.10 4.86
N ASP A 55 -9.31 -27.93 4.38
CA ASP A 55 -8.54 -26.70 4.58
C ASP A 55 -9.02 -25.63 3.59
N LEU A 56 -9.60 -24.56 4.13
CA LEU A 56 -10.05 -23.43 3.32
C LEU A 56 -9.01 -22.32 3.27
N GLY A 57 -8.04 -22.40 4.16
CA GLY A 57 -6.86 -21.52 4.17
C GLY A 57 -5.61 -22.32 3.86
N GLY A 58 -4.49 -21.95 4.48
CA GLY A 58 -3.20 -22.66 4.27
C GLY A 58 -3.31 -24.15 4.50
N SER A 59 -2.65 -24.94 3.65
CA SER A 59 -2.81 -26.40 3.64
C SER A 59 -1.52 -27.21 3.40
N TYR A 60 -0.77 -26.82 2.38
CA TYR A 60 0.37 -27.62 1.92
C TYR A 60 1.66 -27.42 2.70
N VAL A 61 2.35 -28.52 2.94
CA VAL A 61 3.72 -28.49 3.47
C VAL A 61 4.59 -29.37 2.59
N GLY A 62 5.90 -29.20 2.66
CA GLY A 62 6.82 -30.00 1.82
C GLY A 62 8.25 -30.00 2.31
N PRO A 63 9.14 -30.70 1.56
CA PRO A 63 10.56 -30.80 1.90
C PRO A 63 11.24 -29.44 2.05
N THR A 64 12.13 -29.36 3.04
CA THR A 64 12.82 -28.13 3.52
C THR A 64 12.01 -27.26 4.50
N GLN A 65 10.73 -27.59 4.70
CA GLN A 65 9.93 -26.89 5.70
C GLN A 65 9.98 -27.62 7.04
N ASN A 66 11.17 -27.66 7.62
CA ASN A 66 11.44 -28.53 8.77
C ASN A 66 10.83 -28.09 10.10
N ARG A 67 10.61 -26.79 10.25
CA ARG A 67 10.03 -26.26 11.49
C ARG A 67 8.54 -26.59 11.65
N ILE A 68 7.73 -26.36 10.60
CA ILE A 68 6.31 -26.73 10.67
C ILE A 68 6.12 -28.25 10.81
N LEU A 69 6.98 -29.02 10.15
CA LEU A 69 6.90 -30.47 10.22
C LEU A 69 7.21 -30.99 11.64
N ARG A 70 8.20 -30.39 12.29
CA ARG A 70 8.60 -30.77 13.64
C ARG A 70 7.53 -30.37 14.66
N LEU A 71 7.01 -29.15 14.52
CA LEU A 71 5.94 -28.69 15.42
C LEU A 71 4.71 -29.58 15.31
N ALA A 72 4.29 -29.85 14.06
CA ALA A 72 3.11 -30.67 13.83
C ALA A 72 3.30 -32.11 14.36
N LYS A 73 4.49 -32.66 14.14
CA LYS A 73 4.81 -34.02 14.61
C LYS A 73 4.72 -34.10 16.14
N GLU A 74 5.28 -33.11 16.81
CA GLU A 74 5.27 -33.05 18.28
C GLU A 74 3.83 -33.00 18.81
N LEU A 75 2.96 -32.35 18.05
CA LEU A 75 1.55 -32.21 18.43
C LEU A 75 0.70 -33.45 18.13
N GLY A 76 1.32 -34.46 17.52
CA GLY A 76 0.63 -35.73 17.21
C GLY A 76 0.05 -35.83 15.82
N LEU A 77 0.44 -34.93 14.92
CA LEU A 77 -0.12 -34.89 13.57
C LEU A 77 0.69 -35.71 12.56
N GLU A 78 0.02 -36.12 11.49
CA GLU A 78 0.63 -36.86 10.40
C GLU A 78 0.38 -36.16 9.06
N THR A 79 1.25 -36.41 8.08
CA THR A 79 1.05 -35.89 6.72
C THR A 79 0.68 -37.00 5.73
N TYR A 80 0.16 -36.61 4.58
CA TYR A 80 0.02 -37.52 3.45
C TYR A 80 0.36 -36.79 2.15
N LYS A 81 0.68 -37.53 1.10
CA LYS A 81 1.11 -36.93 -0.16
C LYS A 81 -0.07 -36.55 -1.05
N VAL A 82 -0.02 -35.33 -1.58
CA VAL A 82 -0.98 -34.86 -2.58
C VAL A 82 -0.84 -35.75 -3.83
N ASN A 83 -1.96 -36.11 -4.46
CA ASN A 83 -1.90 -37.00 -5.63
C ASN A 83 -1.13 -36.42 -6.82
N GLU A 84 -0.02 -37.06 -7.18
CA GLU A 84 0.71 -36.69 -8.40
C GLU A 84 1.17 -37.96 -9.13
N VAL A 85 0.35 -39.02 -9.02
CA VAL A 85 0.67 -40.31 -9.66
C VAL A 85 0.55 -40.21 -11.18
N GLU A 86 -0.54 -39.59 -11.64
CA GLU A 86 -0.85 -39.52 -13.07
C GLU A 86 -0.35 -38.20 -13.71
N ARG A 87 -0.78 -37.89 -14.94
CA ARG A 87 -0.23 -36.75 -15.67
C ARG A 87 -0.80 -35.40 -15.22
N LEU A 88 0.04 -34.37 -15.26
CA LEU A 88 -0.38 -32.99 -15.07
C LEU A 88 -0.93 -32.47 -16.40
N ILE A 89 -1.69 -31.38 -16.35
CA ILE A 89 -2.20 -30.75 -17.57
C ILE A 89 -1.79 -29.29 -17.64
N HIS A 90 -1.22 -28.88 -18.77
CA HIS A 90 -1.04 -27.46 -19.08
C HIS A 90 -2.08 -27.11 -20.15
N HIS A 91 -3.01 -26.21 -19.81
CA HIS A 91 -4.07 -25.81 -20.74
C HIS A 91 -3.72 -24.42 -21.25
N VAL A 92 -3.48 -24.31 -22.55
CA VAL A 92 -3.10 -23.03 -23.16
C VAL A 92 -3.76 -22.85 -24.52
N LYS A 93 -4.27 -21.64 -24.77
CA LYS A 93 -5.00 -21.31 -26.00
C LYS A 93 -6.15 -22.28 -26.27
N GLY A 94 -6.88 -22.63 -25.21
CA GLY A 94 -8.06 -23.46 -25.34
C GLY A 94 -7.84 -24.95 -25.51
N LYS A 95 -6.59 -25.40 -25.39
CA LYS A 95 -6.24 -26.82 -25.57
C LYS A 95 -5.41 -27.37 -24.40
N SER A 96 -5.61 -28.65 -24.08
CA SER A 96 -4.92 -29.30 -22.96
C SER A 96 -3.74 -30.16 -23.42
N TYR A 97 -2.61 -30.00 -22.74
CA TYR A 97 -1.38 -30.74 -23.05
C TYR A 97 -0.91 -31.48 -21.79
N PRO A 98 -1.13 -32.80 -21.74
CA PRO A 98 -0.70 -33.61 -20.59
C PRO A 98 0.81 -33.73 -20.55
N PHE A 99 1.37 -33.85 -19.35
CA PHE A 99 2.83 -33.93 -19.19
C PHE A 99 3.23 -34.53 -17.84
N ARG A 100 4.50 -34.91 -17.74
CA ARG A 100 5.09 -35.39 -16.49
C ARG A 100 6.35 -34.60 -16.18
N GLY A 101 6.71 -34.54 -14.90
CA GLY A 101 7.83 -33.72 -14.45
C GLY A 101 7.27 -32.38 -14.03
N PRO A 102 8.10 -31.55 -13.37
CA PRO A 102 7.62 -30.26 -12.86
C PRO A 102 7.43 -29.20 -13.95
N PHE A 103 8.07 -29.38 -15.10
CA PHE A 103 8.06 -28.36 -16.17
C PHE A 103 7.14 -28.73 -17.34
N PRO A 104 6.16 -27.84 -17.65
CA PRO A 104 5.34 -28.04 -18.85
C PRO A 104 6.22 -28.16 -20.10
N PRO A 105 5.91 -29.10 -21.01
CA PRO A 105 6.80 -29.30 -22.13
C PRO A 105 6.69 -28.15 -23.15
N VAL A 106 7.83 -27.81 -23.77
CA VAL A 106 7.89 -26.75 -24.76
C VAL A 106 8.71 -27.30 -25.93
N TRP A 107 8.09 -27.38 -27.11
CA TRP A 107 8.72 -28.05 -28.25
C TRP A 107 9.50 -27.11 -29.18
N ASN A 108 8.94 -25.94 -29.46
CA ASN A 108 9.60 -24.94 -30.29
C ASN A 108 10.97 -24.54 -29.71
N PRO A 109 12.06 -24.74 -30.49
CA PRO A 109 13.41 -24.52 -29.94
C PRO A 109 13.68 -23.09 -29.47
N ILE A 110 13.13 -22.10 -30.17
CA ILE A 110 13.26 -20.69 -29.77
C ILE A 110 12.52 -20.48 -28.45
N THR A 111 11.28 -20.97 -28.42
CA THR A 111 10.45 -20.89 -27.22
C THR A 111 11.10 -21.63 -26.06
N TYR A 112 11.73 -22.77 -26.34
CA TYR A 112 12.42 -23.53 -25.31
C TYR A 112 13.58 -22.74 -24.68
N LEU A 113 14.39 -22.08 -25.52
CA LEU A 113 15.50 -21.25 -25.03
C LEU A 113 14.98 -20.11 -24.14
N ASP A 114 13.89 -19.50 -24.56
CA ASP A 114 13.31 -18.38 -23.83
C ASP A 114 12.76 -18.82 -22.46
N HIS A 115 12.02 -19.94 -22.43
CA HIS A 115 11.54 -20.52 -21.16
C HIS A 115 12.71 -20.89 -20.24
N ASN A 116 13.66 -21.65 -20.77
CA ASN A 116 14.83 -22.05 -19.98
C ASN A 116 15.52 -20.85 -19.35
N ASN A 117 15.77 -19.82 -20.16
CA ASN A 117 16.46 -18.62 -19.70
C ASN A 117 15.66 -17.85 -18.66
N PHE A 118 14.34 -17.84 -18.80
CA PHE A 118 13.53 -17.11 -17.83
C PHE A 118 13.68 -17.66 -16.39
N TRP A 119 13.46 -18.97 -16.22
CA TRP A 119 13.55 -19.59 -14.89
C TRP A 119 14.98 -19.52 -14.33
N ARG A 120 15.96 -19.75 -15.20
CA ARG A 120 17.36 -19.69 -14.84
C ARG A 120 17.73 -18.30 -14.32
N THR A 121 17.25 -17.27 -15.03
CA THR A 121 17.53 -15.88 -14.68
C THR A 121 16.84 -15.47 -13.36
N MET A 122 15.62 -15.92 -13.13
CA MET A 122 14.95 -15.71 -11.82
C MET A 122 15.85 -16.19 -10.68
N ASP A 123 16.40 -17.38 -10.84
CA ASP A 123 17.27 -17.97 -9.83
C ASP A 123 18.65 -17.28 -9.77
N ASP A 124 19.20 -16.92 -10.94
CA ASP A 124 20.48 -16.17 -11.01
C ASP A 124 20.39 -14.87 -10.20
N MET A 125 19.33 -14.12 -10.45
CA MET A 125 19.10 -12.86 -9.75
C MET A 125 18.88 -13.10 -8.27
N GLY A 126 18.12 -14.14 -7.93
CA GLY A 126 17.86 -14.51 -6.52
C GLY A 126 19.13 -14.76 -5.73
N ARG A 127 20.13 -15.36 -6.38
CA ARG A 127 21.41 -15.62 -5.74
C ARG A 127 22.17 -14.35 -5.31
N GLU A 128 21.78 -13.21 -5.88
CA GLU A 128 22.36 -11.91 -5.50
C GLU A 128 21.72 -11.29 -4.25
N ILE A 129 20.61 -11.87 -3.79
CA ILE A 129 19.76 -11.26 -2.75
C ILE A 129 19.85 -11.99 -1.41
N PRO A 130 20.41 -11.33 -0.37
CA PRO A 130 20.49 -11.99 0.94
C PRO A 130 19.09 -12.23 1.52
N SER A 131 18.86 -13.46 1.99
CA SER A 131 17.57 -13.86 2.56
C SER A 131 17.17 -12.98 3.74
N ASP A 132 18.14 -12.60 4.57
CA ASP A 132 17.87 -11.84 5.79
C ASP A 132 17.94 -10.31 5.59
N ALA A 133 18.29 -9.88 4.38
CA ALA A 133 18.43 -8.46 4.06
C ALA A 133 18.40 -8.20 2.54
N PRO A 134 17.23 -8.40 1.90
CA PRO A 134 17.12 -8.22 0.43
C PRO A 134 17.55 -6.83 -0.06
N TRP A 135 17.35 -5.81 0.77
CA TRP A 135 17.77 -4.43 0.45
C TRP A 135 19.31 -4.30 0.31
N LYS A 136 20.05 -5.32 0.69
CA LYS A 136 21.52 -5.32 0.54
C LYS A 136 22.04 -5.91 -0.77
N ALA A 137 21.13 -6.38 -1.64
CA ALA A 137 21.54 -6.84 -2.98
C ALA A 137 22.27 -5.70 -3.72
N PRO A 138 23.30 -6.03 -4.53
CA PRO A 138 24.06 -4.99 -5.22
C PRO A 138 23.22 -4.03 -6.07
N LEU A 139 22.19 -4.55 -6.72
CA LEU A 139 21.30 -3.73 -7.55
C LEU A 139 19.90 -3.63 -6.90
N ALA A 140 19.87 -3.56 -5.57
CA ALA A 140 18.59 -3.56 -4.85
C ALA A 140 17.69 -2.43 -5.31
N GLU A 141 18.23 -1.22 -5.42
CA GLU A 141 17.41 -0.07 -5.81
C GLU A 141 16.87 -0.17 -7.23
N GLU A 142 17.73 -0.49 -8.19
CA GLU A 142 17.30 -0.71 -9.58
C GLU A 142 16.19 -1.77 -9.67
N TRP A 143 16.37 -2.88 -8.97
CA TRP A 143 15.37 -3.96 -9.02
C TRP A 143 14.08 -3.62 -8.27
N ASP A 144 14.21 -2.85 -7.19
CA ASP A 144 13.03 -2.44 -6.40
C ASP A 144 12.20 -1.35 -7.08
N ASN A 145 12.83 -0.62 -8.01
CA ASN A 145 12.15 0.48 -8.70
C ASN A 145 11.40 0.04 -9.97
N MET A 146 11.35 -1.28 -10.17
CA MET A 146 10.75 -1.93 -11.32
C MET A 146 9.65 -2.86 -10.83
N THR A 147 8.52 -2.96 -11.56
CA THR A 147 7.53 -4.01 -11.23
C THR A 147 7.95 -5.34 -11.86
N MET A 148 7.33 -6.43 -11.43
CA MET A 148 7.54 -7.70 -12.12
C MET A 148 7.09 -7.67 -13.58
N LYS A 149 6.09 -6.85 -13.90
CA LYS A 149 5.65 -6.72 -15.30
C LYS A 149 6.79 -6.18 -16.18
N GLU A 150 7.46 -5.13 -15.70
CA GLU A 150 8.59 -4.55 -16.44
C GLU A 150 9.71 -5.57 -16.65
N LEU A 151 10.00 -6.35 -15.61
CA LEU A 151 11.07 -7.34 -15.69
C LEU A 151 10.74 -8.46 -16.70
N LEU A 152 9.51 -8.97 -16.66
CA LEU A 152 9.04 -9.94 -17.68
C LEU A 152 9.12 -9.40 -19.09
N ASP A 153 8.66 -8.17 -19.29
CA ASP A 153 8.72 -7.51 -20.61
C ASP A 153 10.16 -7.43 -21.15
N LYS A 154 11.13 -7.18 -20.27
CA LYS A 154 12.54 -7.14 -20.66
C LYS A 154 13.11 -8.52 -20.99
N LEU A 155 12.73 -9.52 -20.19
CA LEU A 155 13.38 -10.83 -20.21
C LEU A 155 12.77 -11.84 -21.20
N CYS A 156 11.47 -11.74 -21.45
CA CYS A 156 10.76 -12.74 -22.23
C CYS A 156 10.65 -12.34 -23.69
N TRP A 157 11.34 -13.08 -24.56
CA TRP A 157 11.34 -12.78 -26.00
C TRP A 157 10.20 -13.49 -26.74
N THR A 158 9.45 -14.33 -26.01
CA THR A 158 8.27 -15.01 -26.56
C THR A 158 7.03 -14.73 -25.71
N GLU A 159 5.86 -14.69 -26.36
CA GLU A 159 4.58 -14.57 -25.63
C GLU A 159 4.32 -15.79 -24.74
N SER A 160 4.74 -16.96 -25.20
CA SER A 160 4.61 -18.21 -24.44
C SER A 160 5.29 -18.11 -23.06
N ALA A 161 6.52 -17.62 -23.04
CA ALA A 161 7.24 -17.45 -21.77
C ALA A 161 6.59 -16.38 -20.89
N LYS A 162 6.25 -15.23 -21.49
CA LYS A 162 5.59 -14.15 -20.76
C LYS A 162 4.28 -14.62 -20.11
N GLN A 163 3.51 -15.42 -20.84
CA GLN A 163 2.23 -15.94 -20.35
C GLN A 163 2.41 -16.84 -19.13
N LEU A 164 3.37 -17.78 -19.21
CA LEU A 164 3.57 -18.72 -18.12
C LEU A 164 4.18 -18.02 -16.91
N ALA A 165 5.13 -17.11 -17.18
CA ALA A 165 5.74 -16.27 -16.14
C ALA A 165 4.69 -15.46 -15.38
N THR A 166 3.69 -14.94 -16.11
CA THR A 166 2.62 -14.14 -15.49
C THR A 166 1.79 -15.00 -14.53
N LEU A 167 1.38 -16.17 -15.02
CA LEU A 167 0.65 -17.14 -14.19
C LEU A 167 1.47 -17.51 -12.96
N PHE A 168 2.76 -17.77 -13.16
CA PHE A 168 3.70 -18.06 -12.06
C PHE A 168 3.66 -16.99 -10.94
N VAL A 169 3.74 -15.72 -11.33
CA VAL A 169 3.70 -14.64 -10.34
C VAL A 169 2.34 -14.60 -9.63
N ASN A 170 1.27 -14.60 -10.42
CA ASN A 170 -0.11 -14.57 -9.88
C ASN A 170 -0.33 -15.68 -8.86
N LEU A 171 0.19 -16.87 -9.15
CA LEU A 171 -0.03 -18.05 -8.32
C LEU A 171 0.84 -18.08 -7.06
N CYS A 172 2.07 -17.57 -7.18
CA CYS A 172 2.99 -17.50 -6.04
C CYS A 172 2.55 -16.48 -5.00
N VAL A 173 2.08 -15.32 -5.45
CA VAL A 173 1.86 -14.20 -4.52
C VAL A 173 0.46 -13.52 -4.62
N THR A 174 -0.49 -14.19 -5.28
CA THR A 174 -1.89 -13.71 -5.44
C THR A 174 -2.01 -12.22 -5.78
N ALA A 175 -1.14 -11.77 -6.69
CA ALA A 175 -1.10 -10.39 -7.11
C ALA A 175 -0.68 -10.31 -8.58
N GLU A 176 -0.99 -9.17 -9.20
CA GLU A 176 -0.65 -8.98 -10.62
C GLU A 176 0.82 -8.63 -10.77
N THR A 177 1.38 -8.92 -11.94
CA THR A 177 2.79 -8.63 -12.20
C THR A 177 3.12 -7.13 -12.07
N HIS A 178 2.17 -6.28 -12.49
CA HIS A 178 2.33 -4.83 -12.38
C HIS A 178 2.13 -4.29 -10.95
N GLU A 179 1.61 -5.10 -10.03
CA GLU A 179 1.39 -4.64 -8.63
C GLU A 179 2.65 -4.73 -7.76
N VAL A 180 3.55 -5.64 -8.11
CA VAL A 180 4.62 -6.04 -7.18
C VAL A 180 6.02 -5.60 -7.62
N SER A 181 6.88 -5.28 -6.64
CA SER A 181 8.29 -4.99 -6.86
C SER A 181 9.03 -6.22 -7.39
N ALA A 182 9.88 -6.03 -8.40
CA ALA A 182 10.72 -7.12 -8.89
C ALA A 182 11.69 -7.58 -7.81
N LEU A 183 12.32 -6.65 -7.08
CA LEU A 183 13.24 -7.04 -5.99
C LEU A 183 12.53 -7.92 -4.94
N TRP A 184 11.36 -7.47 -4.50
CA TRP A 184 10.62 -8.23 -3.49
C TRP A 184 10.23 -9.63 -4.01
N PHE A 185 9.74 -9.69 -5.25
CA PHE A 185 9.31 -10.99 -5.78
C PHE A 185 10.47 -11.95 -5.97
N LEU A 186 11.60 -11.44 -6.48
CA LEU A 186 12.83 -12.22 -6.62
C LEU A 186 13.32 -12.75 -5.26
N TRP A 187 13.24 -11.90 -4.24
CA TRP A 187 13.54 -12.31 -2.87
C TRP A 187 12.60 -13.44 -2.43
N TYR A 188 11.29 -13.22 -2.62
CA TYR A 188 10.28 -14.17 -2.17
C TYR A 188 10.53 -15.58 -2.73
N VAL A 189 10.80 -15.68 -4.03
CA VAL A 189 11.10 -17.00 -4.64
C VAL A 189 12.40 -17.60 -4.09
N LYS A 190 13.46 -16.79 -4.04
CA LYS A 190 14.78 -17.27 -3.55
C LYS A 190 14.69 -17.80 -2.11
N GLN A 191 13.96 -17.09 -1.25
CA GLN A 191 13.88 -17.50 0.16
C GLN A 191 13.00 -18.75 0.37
N CYS A 192 12.31 -19.21 -0.68
CA CYS A 192 11.65 -20.51 -0.65
C CYS A 192 12.53 -21.62 -1.23
N GLY A 193 13.75 -21.27 -1.64
CA GLY A 193 14.67 -22.24 -2.25
C GLY A 193 14.72 -22.20 -3.78
N GLY A 194 14.01 -21.25 -4.38
CA GLY A 194 14.08 -21.05 -5.84
C GLY A 194 12.90 -21.57 -6.65
N THR A 195 12.99 -21.43 -7.96
CA THR A 195 11.84 -21.67 -8.85
C THR A 195 11.34 -23.11 -8.78
N THR A 196 12.24 -24.08 -8.93
CA THR A 196 11.84 -25.49 -8.92
C THR A 196 11.16 -25.90 -7.62
N ARG A 197 11.74 -25.50 -6.49
CA ARG A 197 11.20 -25.86 -5.18
C ARG A 197 9.81 -25.23 -4.95
N ILE A 198 9.63 -23.97 -5.34
CA ILE A 198 8.36 -23.31 -5.06
C ILE A 198 7.19 -23.86 -5.90
N ILE A 199 7.47 -24.27 -7.12
CA ILE A 199 6.43 -24.76 -8.03
C ILE A 199 6.13 -26.25 -7.93
N SER A 200 6.96 -27.01 -7.22
CA SER A 200 6.83 -28.46 -7.25
C SER A 200 5.85 -29.01 -6.25
N THR A 201 5.12 -30.04 -6.67
CA THR A 201 4.33 -30.87 -5.78
C THR A 201 5.29 -31.92 -5.21
N THR A 202 5.57 -33.00 -5.95
CA THR A 202 6.65 -33.93 -5.57
C THR A 202 7.95 -33.13 -5.43
N ASN A 203 8.61 -33.26 -4.27
CA ASN A 203 9.86 -32.55 -3.94
C ASN A 203 9.77 -31.03 -3.80
N GLY A 204 8.58 -30.50 -3.59
CA GLY A 204 8.43 -29.07 -3.37
C GLY A 204 7.38 -28.67 -2.36
N GLY A 205 7.01 -27.39 -2.39
CA GLY A 205 6.08 -26.81 -1.43
C GLY A 205 4.72 -27.46 -1.33
N GLN A 206 4.27 -28.10 -2.41
CA GLN A 206 2.92 -28.67 -2.43
C GLN A 206 2.87 -30.18 -2.25
N GLU A 207 3.94 -30.78 -1.71
CA GLU A 207 4.02 -32.25 -1.63
C GLU A 207 2.95 -32.89 -0.75
N ARG A 208 2.67 -32.26 0.39
CA ARG A 208 1.86 -32.88 1.43
C ARG A 208 0.77 -32.00 2.03
N LYS A 209 -0.17 -32.63 2.72
CA LYS A 209 -1.14 -31.97 3.58
C LYS A 209 -1.17 -32.72 4.90
N PHE A 210 -1.75 -32.09 5.90
CA PHE A 210 -1.95 -32.74 7.20
C PHE A 210 -3.22 -33.56 7.22
N VAL A 211 -3.12 -34.80 7.68
CA VAL A 211 -4.31 -35.62 7.91
C VAL A 211 -5.18 -34.93 8.95
N GLY A 212 -6.41 -34.60 8.58
CA GLY A 212 -7.32 -33.92 9.49
C GLY A 212 -7.35 -32.40 9.38
N GLY A 213 -6.39 -31.83 8.66
CA GLY A 213 -6.36 -30.37 8.40
C GLY A 213 -5.32 -29.62 9.21
N SER A 214 -4.82 -28.52 8.65
CA SER A 214 -3.76 -27.73 9.28
C SER A 214 -4.24 -26.91 10.48
N GLY A 215 -5.53 -26.67 10.59
CA GLY A 215 -6.10 -25.95 11.74
C GLY A 215 -5.81 -26.63 13.07
N GLN A 216 -5.58 -27.93 13.02
CA GLN A 216 -5.16 -28.72 14.20
C GLN A 216 -3.90 -28.21 14.87
N VAL A 217 -2.99 -27.60 14.11
CA VAL A 217 -1.73 -27.09 14.69
C VAL A 217 -2.04 -26.04 15.76
N SER A 218 -2.84 -25.04 15.38
CA SER A 218 -3.22 -23.98 16.30
C SER A 218 -4.17 -24.48 17.39
N GLU A 219 -5.09 -25.37 17.03
CA GLU A 219 -6.04 -25.93 18.00
C GLU A 219 -5.33 -26.72 19.11
N ARG A 220 -4.38 -27.57 18.72
CA ARG A 220 -3.69 -28.40 19.71
C ARG A 220 -2.78 -27.58 20.61
N ILE A 221 -2.22 -26.48 20.08
CA ILE A 221 -1.44 -25.58 20.94
C ILE A 221 -2.37 -24.86 21.93
N MET A 222 -3.55 -24.46 21.46
CA MET A 222 -4.54 -23.87 22.35
C MET A 222 -4.90 -24.84 23.49
N ASP A 223 -5.03 -26.13 23.16
CA ASP A 223 -5.30 -27.19 24.15
C ASP A 223 -4.22 -27.23 25.23
N LEU A 224 -2.96 -27.20 24.81
CA LEU A 224 -1.81 -27.17 25.71
C LEU A 224 -1.78 -25.95 26.64
N LEU A 225 -2.27 -24.81 26.14
CA LEU A 225 -2.21 -23.54 26.87
C LEU A 225 -3.42 -23.27 27.77
N GLY A 226 -4.52 -24.00 27.53
CA GLY A 226 -5.74 -23.85 28.31
C GLY A 226 -6.32 -22.45 28.25
N ASP A 227 -6.66 -21.92 29.43
CA ASP A 227 -7.32 -20.63 29.56
C ASP A 227 -6.44 -19.42 29.21
N ARG A 228 -5.17 -19.66 28.91
CA ARG A 228 -4.24 -18.59 28.52
C ARG A 228 -4.57 -17.98 27.15
N VAL A 229 -5.35 -18.70 26.34
CA VAL A 229 -5.80 -18.17 25.04
C VAL A 229 -7.16 -17.48 25.22
N LYS A 230 -7.22 -16.21 24.83
CA LYS A 230 -8.44 -15.39 24.97
C LYS A 230 -9.03 -15.09 23.59
N LEU A 231 -10.14 -15.77 23.27
CA LEU A 231 -10.85 -15.57 22.01
C LEU A 231 -11.78 -14.36 22.04
N GLU A 232 -12.02 -13.77 20.87
CA GLU A 232 -12.81 -12.55 20.73
C GLU A 232 -12.26 -11.41 21.62
N ARG A 233 -10.93 -11.29 21.61
CA ARG A 233 -10.23 -10.19 22.25
C ARG A 233 -9.39 -9.46 21.19
N PRO A 234 -10.04 -8.68 20.30
CA PRO A 234 -9.22 -7.90 19.36
C PRO A 234 -8.48 -6.80 20.12
N VAL A 235 -7.18 -6.68 19.89
CA VAL A 235 -6.37 -5.66 20.53
C VAL A 235 -6.57 -4.31 19.83
N ILE A 236 -6.80 -3.27 20.64
CA ILE A 236 -7.06 -1.93 20.11
C ILE A 236 -6.01 -0.89 20.51
N TYR A 237 -5.22 -1.19 21.53
CA TYR A 237 -4.39 -0.17 22.18
C TYR A 237 -3.20 -0.79 22.92
N ILE A 238 -2.01 -0.26 22.65
CA ILE A 238 -0.80 -0.68 23.35
C ILE A 238 -0.11 0.56 23.92
N ASP A 239 0.15 0.54 25.23
CA ASP A 239 0.74 1.68 25.94
C ASP A 239 2.06 1.26 26.58
N GLN A 240 3.16 1.87 26.13
CA GLN A 240 4.49 1.58 26.67
C GLN A 240 5.12 2.75 27.45
N THR A 241 4.29 3.67 27.95
CA THR A 241 4.80 4.85 28.69
C THR A 241 5.19 4.57 30.14
N ARG A 242 4.80 3.40 30.67
CA ARG A 242 5.04 3.06 32.08
C ARG A 242 5.94 1.83 32.21
N GLU A 243 6.20 1.39 33.45
CA GLU A 243 7.15 0.30 33.71
C GLU A 243 6.80 -1.01 33.02
N ASN A 244 5.53 -1.40 33.08
CA ASN A 244 5.01 -2.58 32.38
C ASN A 244 4.12 -2.13 31.22
N VAL A 245 4.14 -2.90 30.13
CA VAL A 245 3.31 -2.61 28.94
C VAL A 245 1.83 -2.89 29.21
N LEU A 246 0.95 -1.98 28.76
CA LEU A 246 -0.48 -2.17 28.89
C LEU A 246 -1.12 -2.45 27.52
N VAL A 247 -1.88 -3.55 27.44
CA VAL A 247 -2.56 -3.96 26.20
C VAL A 247 -4.07 -4.02 26.44
N GLU A 248 -4.81 -3.19 25.70
CA GLU A 248 -6.27 -3.14 25.84
C GLU A 248 -6.97 -3.79 24.66
N THR A 249 -8.09 -4.46 24.95
CA THR A 249 -8.90 -5.13 23.93
C THR A 249 -10.23 -4.40 23.66
N LEU A 250 -10.89 -4.78 22.57
CA LEU A 250 -12.15 -4.15 22.16
C LEU A 250 -13.29 -4.39 23.16
N ASN A 251 -13.30 -5.58 23.74
CA ASN A 251 -14.32 -5.97 24.73
C ASN A 251 -14.02 -5.44 26.12
N HIS A 252 -13.16 -4.42 26.20
CA HIS A 252 -12.92 -3.63 27.40
C HIS A 252 -12.10 -4.32 28.52
N GLU A 253 -11.12 -5.15 28.15
CA GLU A 253 -10.23 -5.80 29.11
C GLU A 253 -8.83 -5.21 29.04
N MET A 254 -8.12 -5.20 30.16
CA MET A 254 -6.74 -4.70 30.21
C MET A 254 -5.77 -5.79 30.59
N TYR A 255 -4.67 -5.89 29.86
CA TYR A 255 -3.61 -6.84 30.16
C TYR A 255 -2.28 -6.12 30.40
N GLU A 256 -1.53 -6.59 31.39
CA GLU A 256 -0.25 -5.99 31.75
C GLU A 256 0.88 -7.01 31.59
N ALA A 257 1.97 -6.59 30.94
CA ALA A 257 3.05 -7.51 30.57
C ALA A 257 4.43 -6.84 30.57
N LYS A 258 5.48 -7.66 30.65
CA LYS A 258 6.86 -7.18 30.49
C LYS A 258 7.17 -6.87 29.02
N TYR A 259 6.67 -7.72 28.12
CA TYR A 259 6.94 -7.60 26.69
C TYR A 259 5.72 -8.01 25.88
N VAL A 260 5.70 -7.62 24.61
CA VAL A 260 4.61 -7.99 23.70
C VAL A 260 5.19 -8.59 22.41
N ILE A 261 4.56 -9.64 21.90
CA ILE A 261 4.83 -10.10 20.54
C ILE A 261 3.63 -9.75 19.66
N SER A 262 3.88 -9.00 18.59
CA SER A 262 2.88 -8.74 17.57
C SER A 262 2.97 -9.85 16.50
N ALA A 263 1.97 -10.74 16.47
CA ALA A 263 2.00 -11.86 15.53
C ALA A 263 0.87 -11.79 14.49
N ILE A 264 0.60 -10.58 14.01
CA ILE A 264 -0.46 -10.29 13.04
C ILE A 264 0.17 -9.79 11.73
N PRO A 265 -0.56 -9.85 10.60
CA PRO A 265 0.00 -9.30 9.36
C PRO A 265 0.44 -7.85 9.58
N PRO A 266 1.58 -7.44 8.98
CA PRO A 266 2.14 -6.11 9.29
C PRO A 266 1.14 -4.95 9.16
N THR A 267 0.38 -4.90 8.06
CA THR A 267 -0.61 -3.83 7.88
C THR A 267 -1.71 -3.84 8.96
N LEU A 268 -2.03 -5.01 9.50
CA LEU A 268 -3.06 -5.09 10.56
C LEU A 268 -2.62 -4.42 11.87
N GLY A 269 -1.33 -4.06 11.96
CA GLY A 269 -0.84 -3.18 13.02
C GLY A 269 -1.56 -1.83 13.06
N MET A 270 -2.12 -1.42 11.92
CA MET A 270 -2.92 -0.21 11.84
C MET A 270 -4.15 -0.20 12.75
N LYS A 271 -4.67 -1.39 13.06
CA LYS A 271 -5.89 -1.51 13.88
C LYS A 271 -5.61 -1.21 15.36
N ILE A 272 -4.34 -1.03 15.70
CA ILE A 272 -3.92 -0.76 17.08
C ILE A 272 -3.50 0.70 17.19
N HIS A 273 -3.95 1.36 18.26
CA HIS A 273 -3.56 2.72 18.57
C HIS A 273 -2.37 2.66 19.54
N PHE A 274 -1.28 3.36 19.20
CA PHE A 274 -0.03 3.25 19.98
C PHE A 274 0.26 4.49 20.80
N ASN A 275 0.74 4.26 22.02
CA ASN A 275 1.23 5.30 22.91
C ASN A 275 2.54 4.81 23.53
N PRO A 276 3.66 5.52 23.26
CA PRO A 276 3.78 6.69 22.38
C PRO A 276 3.60 6.28 20.92
N PRO A 277 3.46 7.26 20.00
CA PRO A 277 3.29 6.88 18.59
C PRO A 277 4.46 6.03 18.09
N LEU A 278 4.22 5.20 17.06
CA LEU A 278 5.29 4.40 16.48
C LEU A 278 6.35 5.33 15.89
N PRO A 279 7.61 4.87 15.81
CA PRO A 279 8.62 5.66 15.08
C PRO A 279 8.18 5.86 13.63
N MET A 280 8.60 6.98 13.02
CA MET A 280 8.18 7.35 11.66
C MET A 280 8.23 6.21 10.64
N MET A 281 9.32 5.45 10.61
CA MET A 281 9.48 4.44 9.58
C MET A 281 8.44 3.32 9.69
N ARG A 282 8.23 2.79 10.90
CA ARG A 282 7.15 1.81 11.05
C ARG A 282 5.74 2.40 10.82
N ASN A 283 5.52 3.63 11.31
CA ASN A 283 4.23 4.31 11.12
C ASN A 283 3.80 4.33 9.64
N GLN A 284 4.75 4.70 8.77
CA GLN A 284 4.47 4.68 7.33
C GLN A 284 4.51 3.27 6.70
N MET A 285 5.43 2.42 7.17
CA MET A 285 5.57 1.07 6.59
C MET A 285 4.24 0.29 6.60
N ILE A 286 3.52 0.37 7.71
CA ILE A 286 2.29 -0.43 7.87
C ILE A 286 1.10 0.02 7.00
N THR A 287 1.28 1.12 6.27
CA THR A 287 0.30 1.63 5.28
C THR A 287 0.69 1.26 3.83
N ARG A 288 1.84 0.59 3.68
CA ARG A 288 2.47 0.39 2.37
C ARG A 288 2.58 -1.07 1.95
N VAL A 289 1.94 -1.97 2.71
CA VAL A 289 2.17 -3.41 2.61
C VAL A 289 0.85 -4.22 2.61
N PRO A 290 0.15 -4.23 1.46
CA PRO A 290 -1.11 -4.99 1.34
C PRO A 290 -0.90 -6.48 1.25
N LEU A 291 -1.98 -7.24 1.50
CA LEU A 291 -1.98 -8.70 1.25
C LEU A 291 -2.67 -8.99 -0.08
N GLY A 292 -2.36 -10.15 -0.67
CA GLY A 292 -2.92 -10.55 -1.95
C GLY A 292 -4.39 -10.92 -1.91
N SER A 293 -4.91 -11.32 -3.08
CA SER A 293 -6.34 -11.58 -3.26
C SER A 293 -6.58 -12.99 -3.83
N VAL A 294 -7.38 -13.80 -3.14
CA VAL A 294 -7.63 -15.17 -3.59
C VAL A 294 -8.96 -15.71 -3.06
N ILE A 295 -9.66 -16.49 -3.89
CA ILE A 295 -10.77 -17.33 -3.40
C ILE A 295 -10.33 -18.78 -3.58
N LYS A 296 -10.35 -19.54 -2.48
CA LYS A 296 -10.00 -20.95 -2.55
C LYS A 296 -11.29 -21.74 -2.66
N CYS A 297 -11.38 -22.56 -3.71
CA CYS A 297 -12.64 -23.23 -4.08
C CYS A 297 -12.45 -24.73 -4.20
N ILE A 298 -13.32 -25.51 -3.57
CA ILE A 298 -13.20 -26.97 -3.62
C ILE A 298 -14.51 -27.58 -4.14
N VAL A 299 -14.42 -28.26 -5.29
CA VAL A 299 -15.56 -28.94 -5.90
C VAL A 299 -15.49 -30.45 -5.66
N TYR A 300 -16.56 -31.01 -5.11
CA TYR A 300 -16.61 -32.43 -4.76
C TYR A 300 -17.33 -33.24 -5.81
N TYR A 301 -16.86 -34.47 -6.02
CA TYR A 301 -17.43 -35.40 -6.98
C TYR A 301 -17.64 -36.78 -6.35
N LYS A 302 -18.41 -37.62 -7.04
CA LYS A 302 -18.66 -39.00 -6.57
C LYS A 302 -17.37 -39.84 -6.53
N GLU A 303 -16.51 -39.64 -7.53
CA GLU A 303 -15.26 -40.38 -7.69
C GLU A 303 -14.18 -39.46 -8.26
N PRO A 304 -12.89 -39.81 -8.03
CA PRO A 304 -11.81 -39.05 -8.66
C PRO A 304 -11.64 -39.49 -10.13
N PHE A 305 -12.63 -39.15 -10.94
CA PHE A 305 -12.80 -39.65 -12.30
C PHE A 305 -11.63 -39.30 -13.23
N TRP A 306 -10.93 -38.21 -12.92
CA TRP A 306 -9.78 -37.76 -13.72
C TRP A 306 -8.63 -38.77 -13.75
N ARG A 307 -8.48 -39.51 -12.64
CA ARG A 307 -7.45 -40.54 -12.54
C ARG A 307 -7.64 -41.65 -13.58
N LYS A 308 -8.90 -41.96 -13.90
CA LYS A 308 -9.22 -42.98 -14.91
C LYS A 308 -8.69 -42.61 -16.31
N LYS A 309 -8.63 -41.31 -16.60
CA LYS A 309 -8.06 -40.79 -17.85
C LYS A 309 -6.56 -40.49 -17.77
N ASP A 310 -5.92 -40.96 -16.70
CA ASP A 310 -4.48 -40.76 -16.44
C ASP A 310 -4.10 -39.29 -16.25
N TYR A 311 -4.97 -38.57 -15.53
CA TYR A 311 -4.74 -37.20 -15.10
C TYR A 311 -4.72 -37.19 -13.56
N CYS A 312 -3.72 -36.54 -12.97
CA CYS A 312 -3.62 -36.56 -11.51
C CYS A 312 -4.56 -35.57 -10.85
N GLY A 313 -5.02 -34.56 -11.60
CA GLY A 313 -5.92 -33.56 -11.04
C GLY A 313 -5.30 -32.17 -11.07
N THR A 314 -3.99 -32.11 -11.34
CA THR A 314 -3.26 -30.86 -11.49
C THR A 314 -3.53 -30.24 -12.87
N MET A 315 -4.00 -29.00 -12.86
CA MET A 315 -4.24 -28.24 -14.09
C MET A 315 -3.61 -26.87 -13.94
N ILE A 316 -2.81 -26.49 -14.94
CA ILE A 316 -2.21 -25.18 -15.04
C ILE A 316 -2.91 -24.50 -16.23
N ILE A 317 -3.72 -23.49 -15.94
CA ILE A 317 -4.70 -22.98 -16.90
C ILE A 317 -4.46 -21.52 -17.21
N ASP A 318 -3.98 -21.28 -18.43
CA ASP A 318 -3.70 -19.94 -18.86
C ASP A 318 -4.91 -19.34 -19.55
N GLY A 319 -5.06 -18.03 -19.51
CA GLY A 319 -6.13 -17.36 -20.24
C GLY A 319 -7.06 -16.57 -19.36
N GLU A 320 -7.39 -15.36 -19.82
CA GLU A 320 -8.25 -14.45 -19.07
C GLU A 320 -9.61 -15.03 -18.74
N GLU A 321 -10.18 -15.81 -19.66
CA GLU A 321 -11.54 -16.33 -19.51
C GLU A 321 -11.65 -17.37 -18.39
N ALA A 322 -10.57 -18.09 -18.12
CA ALA A 322 -10.59 -19.12 -17.08
C ALA A 322 -10.64 -18.49 -15.69
N PRO A 323 -11.68 -18.80 -14.89
CA PRO A 323 -11.74 -18.23 -13.54
C PRO A 323 -10.63 -18.73 -12.62
N VAL A 324 -10.24 -19.99 -12.79
CA VAL A 324 -9.22 -20.67 -11.97
C VAL A 324 -7.98 -20.92 -12.82
N ALA A 325 -6.81 -20.53 -12.31
CA ALA A 325 -5.55 -20.71 -13.05
C ALA A 325 -4.75 -21.95 -12.61
N TYR A 326 -5.15 -22.55 -11.48
CA TYR A 326 -4.41 -23.69 -10.91
C TYR A 326 -5.29 -24.57 -10.03
N THR A 327 -5.18 -25.87 -10.24
CA THR A 327 -5.88 -26.85 -9.40
C THR A 327 -4.94 -27.94 -8.91
N LEU A 328 -5.33 -28.59 -7.80
CA LEU A 328 -4.71 -29.82 -7.33
C LEU A 328 -5.82 -30.80 -6.89
N ASP A 329 -5.56 -32.10 -7.02
CA ASP A 329 -6.45 -33.14 -6.46
C ASP A 329 -6.54 -32.94 -4.95
N ASP A 330 -7.77 -32.86 -4.42
CA ASP A 330 -7.96 -32.69 -2.97
C ASP A 330 -8.67 -33.89 -2.30
N THR A 331 -8.75 -34.99 -3.04
CA THR A 331 -9.30 -36.26 -2.53
C THR A 331 -8.55 -36.69 -1.25
N LYS A 332 -9.30 -37.28 -0.32
CA LYS A 332 -8.74 -37.79 0.95
C LYS A 332 -7.76 -38.92 0.66
N PRO A 333 -6.78 -39.16 1.57
CA PRO A 333 -5.77 -40.21 1.30
C PRO A 333 -6.40 -41.59 1.17
N GLU A 334 -7.57 -41.78 1.75
CA GLU A 334 -8.29 -43.05 1.70
C GLU A 334 -8.89 -43.30 0.32
N GLY A 335 -9.08 -42.21 -0.45
CA GLY A 335 -9.57 -42.29 -1.82
C GLY A 335 -11.01 -41.86 -1.95
N ASN A 336 -11.62 -41.45 -0.83
CA ASN A 336 -13.00 -40.96 -0.84
C ASN A 336 -13.06 -39.43 -0.73
N TYR A 337 -14.28 -38.89 -0.76
CA TYR A 337 -14.52 -37.44 -0.82
C TYR A 337 -13.71 -36.83 -1.96
N ALA A 338 -13.81 -37.46 -3.14
CA ALA A 338 -13.14 -36.97 -4.33
C ALA A 338 -13.40 -35.47 -4.52
N ALA A 339 -12.35 -34.72 -4.85
CA ALA A 339 -12.46 -33.26 -4.94
C ALA A 339 -11.33 -32.64 -5.73
N ILE A 340 -11.61 -31.50 -6.36
CA ILE A 340 -10.60 -30.66 -6.99
C ILE A 340 -10.53 -29.33 -6.24
N MET A 341 -9.33 -28.96 -5.78
CA MET A 341 -9.08 -27.64 -5.22
C MET A 341 -8.63 -26.69 -6.32
N GLY A 342 -9.23 -25.50 -6.39
CA GLY A 342 -8.78 -24.47 -7.34
C GLY A 342 -8.67 -23.09 -6.71
N PHE A 343 -7.75 -22.27 -7.23
CA PHE A 343 -7.57 -20.89 -6.79
C PHE A 343 -8.09 -19.91 -7.83
N ILE A 344 -8.89 -18.94 -7.39
CA ILE A 344 -9.24 -17.78 -8.22
C ILE A 344 -8.33 -16.63 -7.75
N LEU A 345 -7.48 -16.14 -8.65
CA LEU A 345 -6.31 -15.31 -8.27
C LEU A 345 -6.42 -13.82 -8.60
N ALA A 346 -5.92 -12.99 -7.68
CA ALA A 346 -5.65 -11.57 -7.94
C ALA A 346 -6.88 -10.85 -8.51
N HIS A 347 -6.77 -10.19 -9.68
CA HIS A 347 -7.95 -9.45 -10.20
C HIS A 347 -9.22 -10.31 -10.37
N LYS A 348 -9.06 -11.60 -10.65
CA LYS A 348 -10.23 -12.48 -10.82
C LYS A 348 -10.99 -12.71 -9.52
N ALA A 349 -10.27 -12.72 -8.40
CA ALA A 349 -10.92 -12.79 -7.08
C ALA A 349 -11.84 -11.58 -6.88
N ARG A 350 -11.37 -10.40 -7.29
CA ARG A 350 -12.17 -9.17 -7.22
C ARG A 350 -13.35 -9.23 -8.19
N LYS A 351 -13.06 -9.58 -9.45
CA LYS A 351 -14.09 -9.64 -10.50
C LYS A 351 -15.19 -10.67 -10.19
N LEU A 352 -14.79 -11.89 -9.83
CA LEU A 352 -15.74 -12.99 -9.65
C LEU A 352 -16.46 -13.02 -8.28
N ALA A 353 -16.01 -12.19 -7.35
CA ALA A 353 -16.66 -12.04 -6.05
C ALA A 353 -18.11 -11.54 -6.17
N ARG A 354 -18.41 -10.86 -7.27
CA ARG A 354 -19.74 -10.31 -7.55
C ARG A 354 -20.81 -11.39 -7.72
N LEU A 355 -20.39 -12.57 -8.18
CA LEU A 355 -21.30 -13.68 -8.45
C LEU A 355 -21.80 -14.36 -7.18
N THR A 356 -22.83 -15.20 -7.32
CA THR A 356 -23.26 -16.04 -6.20
C THR A 356 -22.34 -17.27 -6.11
N LYS A 357 -22.42 -17.96 -4.98
CA LYS A 357 -21.72 -19.22 -4.78
C LYS A 357 -22.09 -20.25 -5.87
N GLU A 358 -23.38 -20.31 -6.18
CA GLU A 358 -23.88 -21.24 -7.21
C GLU A 358 -23.34 -20.88 -8.60
N GLU A 359 -23.28 -19.58 -8.89
CA GLU A 359 -22.72 -19.11 -10.16
C GLU A 359 -21.23 -19.43 -10.31
N ARG A 360 -20.44 -19.26 -9.23
CA ARG A 360 -19.02 -19.63 -9.26
C ARG A 360 -18.83 -21.14 -9.45
N LEU A 361 -19.67 -21.93 -8.80
CA LEU A 361 -19.59 -23.39 -8.95
C LEU A 361 -19.82 -23.81 -10.41
N LYS A 362 -20.83 -23.21 -11.04
CA LYS A 362 -21.13 -23.49 -12.44
C LYS A 362 -19.95 -23.17 -13.36
N LYS A 363 -19.36 -21.99 -13.17
CA LYS A 363 -18.22 -21.56 -13.99
C LYS A 363 -17.02 -22.50 -13.82
N LEU A 364 -16.76 -22.94 -12.60
CA LEU A 364 -15.64 -23.87 -12.35
C LEU A 364 -15.86 -25.23 -13.00
N CYS A 365 -17.05 -25.80 -12.82
CA CYS A 365 -17.38 -27.09 -13.43
C CYS A 365 -17.25 -27.06 -14.95
N GLU A 366 -17.73 -25.98 -15.57
CA GLU A 366 -17.66 -25.84 -17.02
C GLU A 366 -16.21 -25.75 -17.51
N LEU A 367 -15.38 -25.04 -16.75
CA LEU A 367 -13.94 -24.95 -17.02
C LEU A 367 -13.27 -26.31 -16.88
N TYR A 368 -13.51 -26.99 -15.76
CA TYR A 368 -12.91 -28.30 -15.52
C TYR A 368 -13.35 -29.33 -16.57
N ALA A 369 -14.63 -29.28 -16.98
CA ALA A 369 -15.11 -30.19 -18.02
C ALA A 369 -14.30 -30.01 -19.32
N LYS A 370 -14.07 -28.77 -19.72
CA LYS A 370 -13.27 -28.50 -20.92
C LYS A 370 -11.81 -28.95 -20.77
N VAL A 371 -11.18 -28.57 -19.66
CA VAL A 371 -9.74 -28.84 -19.47
C VAL A 371 -9.47 -30.34 -19.41
N LEU A 372 -10.32 -31.06 -18.69
CA LEU A 372 -10.20 -32.51 -18.52
C LEU A 372 -10.86 -33.32 -19.66
N GLY A 373 -11.53 -32.63 -20.57
CA GLY A 373 -12.32 -33.27 -21.64
C GLY A 373 -13.32 -34.27 -21.07
N SER A 374 -13.96 -33.89 -19.96
CA SER A 374 -14.79 -34.81 -19.20
C SER A 374 -16.15 -34.25 -18.78
N LEU A 375 -17.22 -34.80 -19.35
CA LEU A 375 -18.59 -34.41 -18.97
C LEU A 375 -18.91 -34.69 -17.49
N GLU A 376 -18.21 -35.66 -16.89
CA GLU A 376 -18.41 -35.96 -15.46
C GLU A 376 -18.13 -34.77 -14.55
N ALA A 377 -17.29 -33.84 -15.02
CA ALA A 377 -16.97 -32.63 -14.25
C ALA A 377 -18.18 -31.72 -14.07
N LEU A 378 -19.23 -31.92 -14.87
CA LEU A 378 -20.46 -31.14 -14.76
C LEU A 378 -21.42 -31.69 -13.69
N GLU A 379 -20.99 -32.72 -12.98
CA GLU A 379 -21.82 -33.34 -11.93
C GLU A 379 -21.26 -33.27 -10.50
N PRO A 380 -21.05 -32.05 -9.99
CA PRO A 380 -20.55 -31.94 -8.61
C PRO A 380 -21.57 -32.45 -7.58
N VAL A 381 -21.09 -32.97 -6.46
CA VAL A 381 -21.97 -33.44 -5.38
C VAL A 381 -22.02 -32.46 -4.19
N HIS A 382 -21.03 -31.56 -4.15
CA HIS A 382 -20.88 -30.60 -3.05
C HIS A 382 -19.85 -29.54 -3.44
N TYR A 383 -19.89 -28.40 -2.74
CA TYR A 383 -18.99 -27.28 -3.01
C TYR A 383 -18.70 -26.50 -1.71
N GLU A 384 -17.44 -26.14 -1.51
CA GLU A 384 -17.05 -25.23 -0.42
C GLU A 384 -16.09 -24.20 -0.97
N GLU A 385 -16.09 -22.99 -0.41
CA GLU A 385 -15.19 -21.92 -0.86
C GLU A 385 -14.95 -20.89 0.25
N LYS A 386 -13.87 -20.12 0.13
CA LYS A 386 -13.61 -19.01 1.03
C LYS A 386 -12.87 -17.89 0.29
N ASN A 387 -13.49 -16.72 0.23
CA ASN A 387 -12.86 -15.51 -0.28
C ASN A 387 -12.11 -14.80 0.86
N TRP A 388 -10.78 -14.88 0.84
CA TRP A 388 -9.98 -14.30 1.92
C TRP A 388 -9.90 -12.75 1.90
N CYS A 389 -10.32 -12.16 0.78
CA CYS A 389 -10.40 -10.69 0.65
C CYS A 389 -11.39 -10.04 1.62
N GLU A 390 -12.37 -10.80 2.09
CA GLU A 390 -13.41 -10.23 2.95
C GLU A 390 -13.05 -10.21 4.46
N GLU A 391 -11.91 -10.80 4.81
CA GLU A 391 -11.51 -10.98 6.21
C GLU A 391 -10.88 -9.73 6.88
N GLN A 392 -11.63 -9.12 7.80
CA GLN A 392 -11.14 -7.99 8.58
C GLN A 392 -9.82 -8.29 9.30
N TYR A 393 -9.71 -9.48 9.87
CA TYR A 393 -8.52 -9.81 10.65
C TYR A 393 -7.46 -10.66 9.92
N SER A 394 -7.57 -10.74 8.59
CA SER A 394 -6.48 -11.24 7.75
C SER A 394 -6.01 -10.16 6.75
N GLY A 395 -6.97 -9.52 6.08
CA GLY A 395 -6.70 -8.52 5.03
C GLY A 395 -6.53 -9.08 3.62
N GLY A 396 -6.49 -10.42 3.52
CA GLY A 396 -6.17 -11.14 2.28
C GLY A 396 -5.37 -12.42 2.52
N CYS A 397 -4.97 -13.06 1.41
CA CYS A 397 -4.13 -14.28 1.41
C CYS A 397 -3.38 -14.37 0.09
N TYR A 398 -2.30 -15.14 0.01
CA TYR A 398 -1.72 -15.90 1.14
C TYR A 398 -0.98 -14.99 2.11
N THR A 399 -0.40 -13.92 1.58
CA THR A 399 0.57 -13.13 2.35
C THR A 399 0.69 -11.69 1.87
N THR A 400 1.55 -10.93 2.54
CA THR A 400 1.82 -9.54 2.23
C THR A 400 2.75 -9.42 1.03
N TYR A 401 2.39 -8.57 0.07
CA TYR A 401 3.29 -8.21 -1.04
C TYR A 401 3.82 -6.78 -0.90
N PHE A 402 4.96 -6.52 -1.55
CA PHE A 402 5.56 -5.18 -1.54
C PHE A 402 5.50 -4.54 -2.92
N PRO A 403 4.80 -3.39 -3.03
CA PRO A 403 4.77 -2.63 -4.31
C PRO A 403 6.15 -2.01 -4.60
N PRO A 404 6.35 -1.53 -5.83
CA PRO A 404 7.68 -0.98 -6.15
C PRO A 404 8.16 0.12 -5.20
N GLY A 405 9.42 0.03 -4.81
CA GLY A 405 10.05 1.08 -4.01
C GLY A 405 9.97 0.93 -2.51
N ILE A 406 9.15 0.00 -2.02
CA ILE A 406 8.88 -0.09 -0.59
C ILE A 406 9.92 -0.92 0.19
N LEU A 407 10.34 -2.04 -0.37
CA LEU A 407 11.23 -2.96 0.36
C LEU A 407 12.60 -2.32 0.68
N THR A 408 13.13 -1.52 -0.23
CA THR A 408 14.41 -0.86 0.02
C THR A 408 14.28 0.30 1.01
N GLN A 409 13.14 0.96 1.01
CA GLN A 409 12.95 2.14 1.86
C GLN A 409 12.53 1.78 3.30
N TYR A 410 11.71 0.74 3.42
CA TYR A 410 11.05 0.40 4.70
C TYR A 410 11.33 -1.01 5.20
N GLY A 411 11.96 -1.83 4.36
CA GLY A 411 12.18 -3.25 4.67
C GLY A 411 12.91 -3.53 5.97
N ARG A 412 13.92 -2.72 6.28
CA ARG A 412 14.72 -2.95 7.50
C ARG A 412 13.91 -2.89 8.81
N VAL A 413 12.78 -2.19 8.81
CA VAL A 413 12.04 -2.08 10.08
C VAL A 413 10.99 -3.18 10.30
N LEU A 414 10.79 -4.06 9.31
CA LEU A 414 9.80 -5.14 9.42
C LEU A 414 9.84 -5.89 10.76
N ARG A 415 11.03 -6.33 11.17
CA ARG A 415 11.14 -7.07 12.44
C ARG A 415 12.00 -6.37 13.51
N GLN A 416 12.27 -5.09 13.29
CA GLN A 416 12.94 -4.24 14.28
C GLN A 416 12.04 -4.00 15.51
N PRO A 417 12.50 -4.41 16.71
CA PRO A 417 11.70 -4.20 17.92
C PRO A 417 11.38 -2.72 18.16
N VAL A 418 10.21 -2.46 18.74
CA VAL A 418 9.81 -1.11 19.11
C VAL A 418 9.65 -1.10 20.63
N ASP A 419 10.70 -0.63 21.32
CA ASP A 419 10.81 -0.67 22.79
C ASP A 419 10.66 -2.12 23.28
N ARG A 420 9.49 -2.50 23.78
CA ARG A 420 9.28 -3.84 24.29
C ARG A 420 8.32 -4.68 23.42
N ILE A 421 8.00 -4.16 22.23
CA ILE A 421 7.23 -4.92 21.24
C ILE A 421 8.18 -5.61 20.26
N TYR A 422 8.00 -6.92 20.11
CA TYR A 422 8.77 -7.74 19.18
C TYR A 422 7.83 -8.28 18.12
N PHE A 423 8.35 -8.56 16.93
CA PHE A 423 7.50 -8.86 15.77
C PHE A 423 7.69 -10.26 15.22
N ALA A 424 6.58 -11.02 15.23
CA ALA A 424 6.53 -12.36 14.66
C ALA A 424 5.69 -12.28 13.39
N GLY A 425 5.06 -13.39 13.02
CA GLY A 425 4.24 -13.43 11.81
C GLY A 425 5.07 -13.88 10.63
N THR A 426 4.45 -14.64 9.73
CA THR A 426 5.18 -15.25 8.63
C THR A 426 5.95 -14.21 7.78
N GLU A 427 5.38 -13.01 7.68
CA GLU A 427 6.00 -11.94 6.88
C GLU A 427 7.41 -11.55 7.32
N THR A 428 7.75 -11.87 8.59
CA THR A 428 9.05 -11.54 9.15
C THR A 428 10.06 -12.70 9.07
N ALA A 429 9.66 -13.84 8.50
CA ALA A 429 10.57 -14.99 8.37
C ALA A 429 11.62 -14.77 7.28
N THR A 430 12.69 -15.56 7.31
CA THR A 430 13.76 -15.47 6.30
C THR A 430 13.83 -16.72 5.41
N HIS A 431 13.02 -17.72 5.73
CA HIS A 431 12.97 -18.96 4.96
C HIS A 431 11.50 -19.40 4.94
N TRP A 432 10.93 -19.51 3.75
CA TRP A 432 9.49 -19.74 3.54
C TRP A 432 8.58 -18.70 4.22
N SER A 433 9.02 -17.45 4.24
CA SER A 433 8.11 -16.33 4.53
C SER A 433 6.89 -16.40 3.60
N GLY A 434 5.70 -16.14 4.14
CA GLY A 434 4.44 -16.31 3.42
C GLY A 434 3.73 -17.64 3.70
N TYR A 435 4.45 -18.57 4.31
CA TYR A 435 3.97 -19.94 4.54
C TYR A 435 3.80 -20.26 6.03
N MET A 436 3.13 -21.38 6.31
CA MET A 436 3.07 -21.92 7.68
C MET A 436 4.47 -22.13 8.26
N GLU A 437 5.41 -22.59 7.43
CA GLU A 437 6.81 -22.74 7.86
C GLU A 437 7.38 -21.42 8.40
N GLY A 438 7.21 -20.34 7.62
CA GLY A 438 7.71 -19.03 8.02
C GLY A 438 7.03 -18.52 9.29
N ALA A 439 5.76 -18.88 9.47
CA ALA A 439 5.07 -18.51 10.71
C ALA A 439 5.78 -19.13 11.92
N VAL A 440 6.17 -20.39 11.81
CA VAL A 440 6.89 -21.04 12.93
C VAL A 440 8.25 -20.38 13.17
N GLU A 441 9.02 -20.18 12.10
CA GLU A 441 10.35 -19.56 12.21
C GLU A 441 10.26 -18.23 12.95
N ALA A 442 9.32 -17.38 12.53
CA ALA A 442 9.20 -16.03 13.09
C ALA A 442 8.66 -15.97 14.53
N GLY A 443 7.72 -16.86 14.84
CA GLY A 443 7.16 -16.96 16.19
C GLY A 443 8.23 -17.36 17.20
N GLU A 444 8.99 -18.39 16.87
CA GLU A 444 10.02 -18.90 17.76
C GLU A 444 11.20 -17.93 17.87
N ARG A 445 11.55 -17.26 16.77
CA ARG A 445 12.61 -16.24 16.80
C ARG A 445 12.24 -15.05 17.69
N ALA A 446 11.00 -14.55 17.55
CA ALA A 446 10.51 -13.43 18.35
C ALA A 446 10.50 -13.81 19.84
N ALA A 447 10.04 -15.03 20.12
CA ALA A 447 10.07 -15.57 21.49
C ALA A 447 11.51 -15.59 22.05
N ARG A 448 12.47 -16.07 21.28
CA ARG A 448 13.88 -16.09 21.72
C ARG A 448 14.50 -14.70 21.85
N GLU A 449 14.04 -13.73 21.05
CA GLU A 449 14.47 -12.33 21.24
C GLU A 449 14.13 -11.84 22.65
N ILE A 450 12.94 -12.21 23.12
CA ILE A 450 12.46 -11.85 24.45
C ILE A 450 13.25 -12.59 25.54
N LEU A 451 13.49 -13.89 25.34
CA LEU A 451 14.33 -14.66 26.28
C LEU A 451 15.73 -14.06 26.42
N HIS A 452 16.30 -13.59 25.30
CA HIS A 452 17.58 -12.89 25.34
C HIS A 452 17.51 -11.57 26.11
N ALA A 453 16.47 -10.78 25.84
CA ALA A 453 16.25 -9.52 26.55
C ALA A 453 16.13 -9.71 28.08
N MET A 454 15.60 -10.86 28.48
CA MET A 454 15.42 -11.18 29.90
C MET A 454 16.68 -11.75 30.55
N GLY A 455 17.70 -12.00 29.73
CA GLY A 455 18.97 -12.55 30.17
C GLY A 455 18.97 -14.06 30.34
N LYS A 456 18.00 -14.73 29.71
CA LYS A 456 17.83 -16.18 29.87
C LYS A 456 18.60 -17.04 28.88
N ILE A 457 18.89 -16.48 27.70
CA ILE A 457 19.69 -17.16 26.68
C ILE A 457 20.71 -16.19 26.07
N PRO A 458 21.86 -16.71 25.61
CA PRO A 458 22.84 -15.85 24.93
C PRO A 458 22.36 -15.37 23.56
N GLU A 459 23.00 -14.32 23.06
CA GLU A 459 22.63 -13.71 21.77
C GLU A 459 22.61 -14.72 20.61
N ASP A 460 23.60 -15.61 20.59
CA ASP A 460 23.76 -16.55 19.48
C ASP A 460 22.68 -17.65 19.43
N GLU A 461 21.75 -17.62 20.38
CA GLU A 461 20.65 -18.57 20.41
C GLU A 461 19.31 -18.01 19.94
N ILE A 462 19.30 -16.73 19.54
CA ILE A 462 18.08 -16.09 19.02
C ILE A 462 17.63 -16.78 17.73
N TRP A 463 18.56 -16.89 16.78
CA TRP A 463 18.32 -17.58 15.50
C TRP A 463 18.87 -19.01 15.60
N GLN A 464 17.99 -20.00 15.43
CA GLN A 464 18.39 -21.40 15.52
C GLN A 464 18.08 -22.23 14.28
N SER A 465 19.08 -23.01 13.86
CA SER A 465 18.92 -23.97 12.76
C SER A 465 17.94 -25.08 13.14
N GLU A 466 17.39 -25.74 12.13
CA GLU A 466 16.42 -26.82 12.35
C GLU A 466 16.92 -28.08 11.67
N PRO A 467 16.99 -29.21 12.42
CA PRO A 467 17.36 -30.50 11.84
C PRO A 467 16.35 -30.93 10.77
N GLU A 468 16.85 -31.54 9.71
CA GLU A 468 15.99 -32.00 8.61
C GLU A 468 15.03 -33.10 9.07
N SER A 469 13.77 -33.00 8.63
CA SER A 469 12.77 -34.03 8.89
C SER A 469 13.26 -35.38 8.40
N VAL A 470 13.07 -36.41 9.22
CA VAL A 470 13.37 -37.79 8.83
C VAL A 470 12.20 -38.38 8.03
N ASP A 471 11.04 -37.76 8.15
CA ASP A 471 9.83 -38.23 7.47
C ASP A 471 9.69 -37.64 6.07
N VAL A 472 10.19 -36.41 5.88
CA VAL A 472 10.05 -35.69 4.61
C VAL A 472 11.43 -35.24 4.13
N PRO A 473 12.21 -36.19 3.57
CA PRO A 473 13.56 -35.86 3.13
C PRO A 473 13.55 -34.92 1.92
N ALA A 474 14.54 -34.03 1.85
CA ALA A 474 14.62 -33.08 0.75
C ALA A 474 15.64 -33.52 -0.30
N GLN A 475 15.14 -33.85 -1.49
CA GLN A 475 16.00 -34.05 -2.63
C GLN A 475 16.55 -32.68 -3.06
N PRO A 476 17.83 -32.61 -3.42
CA PRO A 476 18.44 -31.35 -3.84
C PRO A 476 17.84 -30.87 -5.17
N ILE A 477 17.93 -29.56 -5.41
CA ILE A 477 17.51 -28.99 -6.67
C ILE A 477 18.70 -29.06 -7.62
N THR A 478 18.51 -29.75 -8.75
CA THR A 478 19.59 -29.99 -9.71
C THR A 478 19.25 -29.42 -11.08
N THR A 479 20.29 -29.08 -11.83
CA THR A 479 20.13 -28.65 -13.22
C THR A 479 20.96 -29.54 -14.16
N THR A 480 20.62 -29.53 -15.44
CA THR A 480 21.39 -30.24 -16.45
C THR A 480 22.40 -29.31 -17.08
N PHE A 481 23.41 -29.91 -17.73
CA PHE A 481 24.41 -29.16 -18.47
C PHE A 481 23.77 -28.19 -19.47
N LEU A 482 22.81 -28.70 -20.25
CA LEU A 482 22.10 -27.88 -21.25
C LEU A 482 21.30 -26.75 -20.58
N GLU A 483 20.63 -27.04 -19.48
CA GLU A 483 19.88 -26.03 -18.73
C GLU A 483 20.78 -24.88 -18.28
N ARG A 484 22.00 -25.22 -17.85
CA ARG A 484 22.98 -24.22 -17.40
C ARG A 484 23.57 -23.37 -18.52
N HIS A 485 23.85 -23.97 -19.67
CA HIS A 485 24.68 -23.32 -20.70
C HIS A 485 24.01 -22.96 -22.04
N LEU A 486 22.76 -23.37 -22.22
CA LEU A 486 22.03 -22.96 -23.43
C LEU A 486 21.86 -21.44 -23.45
N PRO A 487 21.96 -20.83 -24.64
CA PRO A 487 21.87 -19.37 -24.68
C PRO A 487 20.43 -18.87 -24.55
N SER A 488 20.29 -17.61 -24.11
CA SER A 488 19.03 -16.91 -24.19
C SER A 488 18.73 -16.62 -25.67
N VAL A 489 17.54 -16.08 -25.93
CA VAL A 489 17.21 -15.66 -27.29
C VAL A 489 18.17 -14.54 -27.79
N PRO A 490 18.37 -13.47 -26.98
CA PRO A 490 19.35 -12.46 -27.44
C PRO A 490 20.78 -13.00 -27.50
N GLY A 491 21.10 -13.97 -26.64
CA GLY A 491 22.39 -14.65 -26.68
C GLY A 491 22.60 -15.42 -27.97
N LEU A 492 21.54 -16.07 -28.46
CA LEU A 492 21.57 -16.76 -29.75
C LEU A 492 21.73 -15.76 -30.90
N LEU A 493 21.01 -14.65 -30.81
CA LEU A 493 21.07 -13.58 -31.83
C LEU A 493 22.46 -12.94 -31.91
N ARG A 494 23.12 -12.82 -30.75
CA ARG A 494 24.49 -12.32 -30.70
C ARG A 494 25.46 -13.27 -31.41
N LEU A 495 25.27 -14.57 -31.20
CA LEU A 495 26.05 -15.60 -31.88
C LEU A 495 25.84 -15.60 -33.39
N ILE A 496 24.60 -15.35 -33.83
CA ILE A 496 24.27 -15.24 -35.25
C ILE A 496 24.95 -14.02 -35.88
N GLY A 497 24.84 -12.87 -35.23
CA GLY A 497 25.45 -11.64 -35.70
C GLY A 497 26.97 -11.66 -35.68
N LEU A 498 27.54 -12.60 -34.95
CA LEU A 498 28.98 -12.74 -34.80
C LEU A 498 29.61 -13.52 -35.96
N THR A 499 28.94 -14.61 -36.35
CA THR A 499 29.39 -15.44 -37.46
C THR A 499 29.19 -14.74 -38.81
N THR A 500 28.13 -13.94 -38.91
CA THR A 500 27.84 -13.16 -40.12
C THR A 500 28.82 -11.98 -40.28
N ILE A 501 30.02 -12.14 -39.72
CA ILE A 501 31.11 -11.18 -39.88
C ILE A 501 32.39 -11.91 -40.27
N ASN B 3 -24.01 11.51 24.08
CA ASN B 3 -24.44 10.18 23.55
C ASN B 3 -25.20 10.29 22.21
N LYS B 4 -26.36 10.94 22.21
CA LYS B 4 -27.28 10.87 21.04
C LYS B 4 -27.26 12.11 20.15
N CYS B 5 -27.21 11.89 18.84
CA CYS B 5 -27.23 12.97 17.86
C CYS B 5 -27.73 12.48 16.49
N ASP B 6 -27.82 13.40 15.53
CA ASP B 6 -28.20 13.06 14.17
C ASP B 6 -27.04 12.46 13.36
N VAL B 7 -25.87 13.13 13.42
CA VAL B 7 -24.70 12.70 12.65
C VAL B 7 -23.41 12.82 13.47
N VAL B 8 -22.63 11.74 13.47
CA VAL B 8 -21.28 11.77 14.02
C VAL B 8 -20.29 11.97 12.86
N VAL B 9 -19.42 12.98 12.98
CA VAL B 9 -18.32 13.18 12.01
C VAL B 9 -17.02 12.69 12.62
N VAL B 10 -16.36 11.76 11.94
CA VAL B 10 -15.09 11.24 12.43
C VAL B 10 -13.97 12.03 11.77
N GLY B 11 -13.28 12.85 12.56
CA GLY B 11 -12.19 13.69 12.06
C GLY B 11 -12.53 15.16 11.99
N GLY B 12 -11.72 15.98 12.68
CA GLY B 12 -11.89 17.43 12.70
C GLY B 12 -10.85 18.20 11.92
N GLY B 13 -10.48 17.67 10.76
CA GLY B 13 -9.72 18.44 9.77
C GLY B 13 -10.67 19.34 9.02
N ILE B 14 -10.19 19.99 7.96
CA ILE B 14 -11.03 20.91 7.17
C ILE B 14 -12.28 20.22 6.60
N SER B 15 -12.12 18.98 6.14
CA SER B 15 -13.25 18.27 5.53
C SER B 15 -14.37 17.96 6.54
N GLY B 16 -13.99 17.40 7.68
CA GLY B 16 -14.93 17.07 8.76
C GLY B 16 -15.59 18.31 9.33
N MET B 17 -14.80 19.37 9.50
CA MET B 17 -15.34 20.65 9.96
C MET B 17 -16.31 21.30 8.97
N ALA B 18 -15.97 21.28 7.68
CA ALA B 18 -16.86 21.81 6.64
C ALA B 18 -18.18 21.03 6.59
N ALA B 19 -18.10 19.70 6.72
CA ALA B 19 -19.31 18.85 6.74
C ALA B 19 -20.18 19.16 7.96
N ALA B 20 -19.55 19.21 9.14
CA ALA B 20 -20.28 19.46 10.39
C ALA B 20 -20.96 20.82 10.38
N LYS B 21 -20.25 21.84 9.89
CA LYS B 21 -20.81 23.20 9.78
C LYS B 21 -22.07 23.21 8.91
N LEU B 22 -22.00 22.58 7.73
CA LEU B 22 -23.16 22.55 6.82
C LEU B 22 -24.38 21.87 7.46
N LEU B 23 -24.15 20.73 8.10
CA LEU B 23 -25.22 20.00 8.77
C LEU B 23 -25.80 20.79 9.94
N HIS B 24 -24.92 21.37 10.75
CA HIS B 24 -25.29 22.25 11.86
C HIS B 24 -26.14 23.44 11.39
N ASP B 25 -25.69 24.09 10.32
CA ASP B 25 -26.42 25.22 9.73
C ASP B 25 -27.82 24.82 9.21
N SER B 26 -27.96 23.55 8.85
CA SER B 26 -29.24 23.05 8.31
C SER B 26 -30.22 22.64 9.43
N GLY B 27 -29.75 22.67 10.68
CA GLY B 27 -30.62 22.38 11.82
C GLY B 27 -30.44 21.01 12.44
N LEU B 28 -29.44 20.24 11.99
CA LEU B 28 -29.18 18.94 12.57
C LEU B 28 -28.23 19.00 13.77
N ASN B 29 -28.36 18.03 14.66
CA ASN B 29 -27.46 17.89 15.80
C ASN B 29 -26.23 17.06 15.42
N VAL B 30 -25.07 17.72 15.40
CA VAL B 30 -23.82 17.06 15.00
C VAL B 30 -22.81 17.02 16.13
N VAL B 31 -21.94 16.01 16.08
CA VAL B 31 -20.81 15.86 16.98
C VAL B 31 -19.59 15.54 16.12
N VAL B 32 -18.46 16.18 16.41
CA VAL B 32 -17.19 15.86 15.74
C VAL B 32 -16.26 15.17 16.72
N LEU B 33 -15.83 13.96 16.36
CA LEU B 33 -14.92 13.21 17.19
C LEU B 33 -13.53 13.30 16.56
N GLU B 34 -12.62 13.96 17.27
CA GLU B 34 -11.24 14.21 16.80
C GLU B 34 -10.21 13.51 17.68
N ALA B 35 -9.37 12.71 17.05
CA ALA B 35 -8.35 11.92 17.75
C ALA B 35 -7.31 12.77 18.49
N ARG B 36 -6.85 13.87 17.87
CA ARG B 36 -5.80 14.71 18.44
C ARG B 36 -6.33 15.68 19.49
N ASP B 37 -5.40 16.34 20.19
CA ASP B 37 -5.71 17.42 21.14
C ASP B 37 -5.87 18.77 20.45
N ARG B 38 -6.03 18.74 19.13
CA ARG B 38 -6.23 19.95 18.33
C ARG B 38 -7.07 19.61 17.10
N VAL B 39 -7.65 20.64 16.49
CA VAL B 39 -8.29 20.48 15.17
C VAL B 39 -7.32 20.84 14.06
N GLY B 40 -7.72 20.61 12.81
CA GLY B 40 -6.93 21.06 11.64
C GLY B 40 -6.24 19.96 10.84
N GLY B 41 -5.90 18.85 11.51
CA GLY B 41 -5.33 17.67 10.84
C GLY B 41 -4.03 17.94 10.09
N ARG B 42 -4.09 17.86 8.76
CA ARG B 42 -2.92 18.10 7.90
C ARG B 42 -2.63 19.59 7.70
N THR B 43 -3.49 20.44 8.27
CA THR B 43 -3.12 21.85 8.50
C THR B 43 -2.77 22.05 9.98
N TYR B 44 -1.77 22.89 10.23
CA TYR B 44 -1.30 23.18 11.57
C TYR B 44 -0.55 24.50 11.54
N THR B 45 -1.08 25.50 12.26
CA THR B 45 -0.44 26.81 12.36
C THR B 45 0.20 26.96 13.74
N LEU B 46 1.53 27.05 13.77
CA LEU B 46 2.28 27.22 15.02
C LEU B 46 2.38 28.71 15.32
N ARG B 47 2.20 29.09 16.59
CA ARG B 47 2.39 30.49 16.98
C ARG B 47 3.46 30.62 18.06
N ASN B 48 4.43 31.51 17.83
CA ASN B 48 5.39 31.94 18.86
C ASN B 48 5.92 33.33 18.51
N GLN B 49 6.64 33.95 19.45
CA GLN B 49 7.08 35.32 19.26
C GLN B 49 8.09 35.48 18.10
N LYS B 50 8.91 34.46 17.89
CA LYS B 50 9.95 34.53 16.85
C LYS B 50 9.40 34.54 15.42
N VAL B 51 8.27 33.83 15.21
CA VAL B 51 7.70 33.65 13.87
C VAL B 51 6.37 34.39 13.70
N LYS B 52 5.79 34.82 14.82
CA LYS B 52 4.39 35.30 14.90
C LYS B 52 3.43 34.12 14.69
N TYR B 53 3.31 33.68 13.44
CA TYR B 53 2.61 32.43 13.12
C TYR B 53 3.31 31.77 11.92
N VAL B 54 3.22 30.45 11.80
CA VAL B 54 3.73 29.76 10.60
C VAL B 54 2.92 28.50 10.28
N ASP B 55 2.56 28.32 9.01
CA ASP B 55 1.89 27.08 8.57
C ASP B 55 2.93 25.98 8.43
N LEU B 56 2.83 24.95 9.28
CA LEU B 56 3.70 23.77 9.17
C LEU B 56 3.06 22.65 8.32
N GLY B 57 1.75 22.76 8.08
CA GLY B 57 1.05 21.89 7.16
C GLY B 57 0.58 22.66 5.94
N GLY B 58 -0.58 22.29 5.42
CA GLY B 58 -1.15 22.95 4.24
C GLY B 58 -1.27 24.46 4.43
N SER B 59 -0.90 25.21 3.39
CA SER B 59 -0.83 26.68 3.49
C SER B 59 -1.44 27.43 2.30
N TYR B 60 -1.16 26.96 1.08
CA TYR B 60 -1.43 27.73 -0.14
C TYR B 60 -2.84 27.56 -0.67
N VAL B 61 -3.40 28.66 -1.15
CA VAL B 61 -4.66 28.65 -1.92
C VAL B 61 -4.47 29.54 -3.14
N GLY B 62 -5.34 29.36 -4.13
CA GLY B 62 -5.22 30.12 -5.36
C GLY B 62 -6.48 30.09 -6.20
N PRO B 63 -6.43 30.76 -7.37
CA PRO B 63 -7.54 30.86 -8.31
C PRO B 63 -8.08 29.48 -8.69
N THR B 64 -9.40 29.41 -8.86
CA THR B 64 -10.18 28.18 -9.11
C THR B 64 -10.45 27.32 -7.87
N GLN B 65 -9.90 27.68 -6.71
CA GLN B 65 -10.20 26.97 -5.46
C GLN B 65 -11.27 27.77 -4.71
N ASN B 66 -12.46 27.82 -5.30
CA ASN B 66 -13.50 28.75 -4.84
C ASN B 66 -14.20 28.39 -3.52
N ARG B 67 -14.26 27.09 -3.21
CA ARG B 67 -14.91 26.62 -1.99
C ARG B 67 -14.14 26.98 -0.72
N ILE B 68 -12.83 26.69 -0.72
CA ILE B 68 -12.00 27.08 0.43
C ILE B 68 -11.95 28.61 0.62
N LEU B 69 -11.89 29.35 -0.48
CA LEU B 69 -11.90 30.81 -0.43
C LEU B 69 -13.20 31.37 0.15
N ARG B 70 -14.33 30.78 -0.27
CA ARG B 70 -15.64 31.19 0.24
C ARG B 70 -15.82 30.89 1.74
N LEU B 71 -15.43 29.67 2.14
CA LEU B 71 -15.51 29.27 3.55
C LEU B 71 -14.63 30.12 4.44
N ALA B 72 -13.39 30.37 4.02
CA ALA B 72 -12.47 31.21 4.80
C ALA B 72 -13.00 32.64 4.93
N LYS B 73 -13.51 33.20 3.83
CA LYS B 73 -14.07 34.56 3.86
C LYS B 73 -15.22 34.67 4.86
N GLU B 74 -16.12 33.69 4.84
CA GLU B 74 -17.24 33.65 5.78
C GLU B 74 -16.78 33.63 7.25
N LEU B 75 -15.66 32.97 7.49
CA LEU B 75 -15.10 32.86 8.83
C LEU B 75 -14.29 34.11 9.22
N GLY B 76 -14.15 35.06 8.30
CA GLY B 76 -13.49 36.34 8.62
C GLY B 76 -12.00 36.37 8.28
N LEU B 77 -11.55 35.42 7.45
CA LEU B 77 -10.14 35.38 7.07
C LEU B 77 -9.85 36.14 5.77
N GLU B 78 -8.59 36.55 5.61
CA GLU B 78 -8.13 37.26 4.41
C GLU B 78 -6.88 36.57 3.88
N THR B 79 -6.60 36.75 2.60
CA THR B 79 -5.38 36.21 1.99
C THR B 79 -4.37 37.32 1.66
N TYR B 80 -3.12 36.92 1.45
CA TYR B 80 -2.12 37.78 0.87
C TYR B 80 -1.34 36.97 -0.16
N LYS B 81 -0.66 37.67 -1.06
CA LYS B 81 0.06 37.03 -2.16
C LYS B 81 1.45 36.55 -1.77
N VAL B 82 1.74 35.30 -2.12
CA VAL B 82 3.10 34.75 -2.00
C VAL B 82 4.01 35.56 -2.92
N ASN B 83 5.19 35.93 -2.44
CA ASN B 83 6.05 36.84 -3.21
C ASN B 83 6.57 36.22 -4.50
N GLU B 84 6.20 36.82 -5.63
CA GLU B 84 6.73 36.43 -6.94
C GLU B 84 7.03 37.68 -7.81
N VAL B 85 7.45 38.77 -7.16
CA VAL B 85 7.74 40.01 -7.88
C VAL B 85 9.04 39.88 -8.71
N GLU B 86 10.06 39.28 -8.11
CA GLU B 86 11.40 39.18 -8.73
C GLU B 86 11.58 37.82 -9.43
N ARG B 87 12.81 37.48 -9.80
CA ARG B 87 13.03 36.31 -10.64
C ARG B 87 13.03 35.01 -9.83
N LEU B 88 12.53 33.95 -10.47
CA LEU B 88 12.61 32.60 -9.96
C LEU B 88 14.00 32.06 -10.32
N ILE B 89 14.44 31.00 -9.63
CA ILE B 89 15.73 30.35 -9.95
C ILE B 89 15.54 28.87 -10.29
N HIS B 90 16.13 28.43 -11.40
CA HIS B 90 16.31 27.01 -11.66
C HIS B 90 17.80 26.70 -11.51
N HIS B 91 18.14 25.85 -10.53
CA HIS B 91 19.54 25.48 -10.26
C HIS B 91 19.82 24.11 -10.88
N VAL B 92 20.65 24.07 -11.92
CA VAL B 92 20.93 22.82 -12.64
C VAL B 92 22.44 22.64 -12.87
N LYS B 93 22.91 21.43 -12.62
CA LYS B 93 24.34 21.08 -12.68
C LYS B 93 25.22 22.15 -12.03
N GLY B 94 24.88 22.46 -10.78
CA GLY B 94 25.66 23.38 -9.95
C GLY B 94 25.64 24.85 -10.30
N LYS B 95 24.66 25.29 -11.09
CA LYS B 95 24.56 26.70 -11.48
C LYS B 95 23.13 27.22 -11.45
N SER B 96 22.98 28.46 -10.99
CA SER B 96 21.68 29.12 -10.90
C SER B 96 21.33 29.88 -12.17
N TYR B 97 20.13 29.61 -12.69
CA TYR B 97 19.60 30.26 -13.87
C TYR B 97 18.32 31.01 -13.51
N PRO B 98 18.41 32.34 -13.36
CA PRO B 98 17.21 33.09 -13.00
C PRO B 98 16.28 33.23 -14.20
N PHE B 99 14.98 33.29 -13.93
CA PHE B 99 13.98 33.40 -14.98
C PHE B 99 12.66 34.01 -14.53
N ARG B 100 11.85 34.39 -15.52
CA ARG B 100 10.49 34.88 -15.29
C ARG B 100 9.51 33.99 -16.05
N GLY B 101 8.25 34.02 -15.63
CA GLY B 101 7.23 33.15 -16.20
C GLY B 101 7.26 31.82 -15.47
N PRO B 102 6.21 31.01 -15.61
CA PRO B 102 6.12 29.76 -14.85
C PRO B 102 7.11 28.67 -15.31
N PHE B 103 7.64 28.82 -16.52
CA PHE B 103 8.45 27.78 -17.16
C PHE B 103 9.95 28.07 -17.12
N PRO B 104 10.74 27.15 -16.52
CA PRO B 104 12.20 27.29 -16.55
C PRO B 104 12.68 27.22 -18.00
N PRO B 105 13.50 28.18 -18.44
CA PRO B 105 13.93 28.20 -19.84
C PRO B 105 14.92 27.07 -20.14
N VAL B 106 14.88 26.60 -21.39
CA VAL B 106 15.75 25.55 -21.86
C VAL B 106 16.42 26.11 -23.11
N TRP B 107 17.76 26.09 -23.14
CA TRP B 107 18.52 26.74 -24.23
C TRP B 107 18.82 25.83 -25.42
N ASN B 108 19.08 24.55 -25.15
CA ASN B 108 19.35 23.58 -26.22
C ASN B 108 18.05 23.25 -26.98
N PRO B 109 18.07 23.34 -28.33
CA PRO B 109 16.87 23.19 -29.16
C PRO B 109 16.23 21.80 -29.09
N ILE B 110 17.06 20.75 -29.02
CA ILE B 110 16.56 19.38 -28.92
C ILE B 110 15.96 19.18 -27.54
N THR B 111 16.66 19.67 -26.52
CA THR B 111 16.18 19.62 -25.14
C THR B 111 14.88 20.42 -25.01
N TYR B 112 14.81 21.56 -25.70
CA TYR B 112 13.59 22.37 -25.69
C TYR B 112 12.37 21.60 -26.22
N LEU B 113 12.51 20.93 -27.37
CA LEU B 113 11.43 20.11 -27.91
C LEU B 113 10.99 19.02 -26.93
N ASP B 114 11.96 18.40 -26.25
CA ASP B 114 11.73 17.31 -25.31
C ASP B 114 10.93 17.80 -24.08
N HIS B 115 11.35 18.93 -23.51
CA HIS B 115 10.64 19.54 -22.38
C HIS B 115 9.23 19.92 -22.78
N ASN B 116 9.10 20.66 -23.88
CA ASN B 116 7.80 21.09 -24.37
C ASN B 116 6.84 19.92 -24.56
N ASN B 117 7.33 18.84 -25.18
CA ASN B 117 6.51 17.67 -25.44
C ASN B 117 6.05 17.00 -24.16
N PHE B 118 6.92 16.97 -23.15
CA PHE B 118 6.57 16.29 -21.92
C PHE B 118 5.34 16.92 -21.25
N TRP B 119 5.37 18.23 -21.02
CA TRP B 119 4.23 18.91 -20.34
C TRP B 119 2.96 18.85 -21.17
N ARG B 120 3.12 19.06 -22.48
CA ARG B 120 2.01 18.98 -23.41
C ARG B 120 1.36 17.61 -23.40
N THR B 121 2.19 16.56 -23.39
CA THR B 121 1.67 15.19 -23.37
C THR B 121 0.93 14.88 -22.08
N MET B 122 1.43 15.36 -20.93
CA MET B 122 0.71 15.20 -19.65
C MET B 122 -0.72 15.75 -19.73
N ASP B 123 -0.86 16.93 -20.31
CA ASP B 123 -2.17 17.55 -20.45
C ASP B 123 -3.02 16.85 -21.53
N ASP B 124 -2.40 16.40 -22.63
CA ASP B 124 -3.13 15.64 -23.68
C ASP B 124 -3.77 14.39 -23.10
N MET B 125 -2.98 13.63 -22.34
CA MET B 125 -3.47 12.40 -21.71
C MET B 125 -4.57 12.70 -20.70
N GLY B 126 -4.39 13.77 -19.92
CA GLY B 126 -5.38 14.20 -18.93
C GLY B 126 -6.75 14.48 -19.52
N ARG B 127 -6.79 15.00 -20.75
CA ARG B 127 -8.07 15.31 -21.39
C ARG B 127 -8.97 14.07 -21.59
N GLU B 128 -8.38 12.87 -21.53
CA GLU B 128 -9.17 11.65 -21.69
C GLU B 128 -9.55 10.98 -20.35
N ILE B 129 -9.23 11.63 -19.24
CA ILE B 129 -9.51 11.07 -17.91
C ILE B 129 -10.65 11.84 -17.21
N PRO B 130 -11.82 11.21 -17.03
CA PRO B 130 -12.91 11.90 -16.30
C PRO B 130 -12.52 12.23 -14.85
N SER B 131 -12.74 13.48 -14.44
CA SER B 131 -12.39 13.89 -13.06
C SER B 131 -13.11 13.07 -12.00
N ASP B 132 -14.38 12.77 -12.26
CA ASP B 132 -15.20 12.03 -11.31
C ASP B 132 -15.11 10.50 -11.43
N ALA B 133 -14.30 10.02 -12.37
CA ALA B 133 -14.20 8.57 -12.66
C ALA B 133 -12.97 8.25 -13.53
N PRO B 134 -11.76 8.43 -12.97
CA PRO B 134 -10.57 8.18 -13.78
C PRO B 134 -10.47 6.74 -14.31
N TRP B 135 -11.07 5.77 -13.60
CA TRP B 135 -11.10 4.37 -14.06
C TRP B 135 -11.90 4.19 -15.39
N LYS B 136 -12.60 5.24 -15.81
CA LYS B 136 -13.36 5.21 -17.06
C LYS B 136 -12.58 5.83 -18.24
N ALA B 137 -11.33 6.21 -18.00
CA ALA B 137 -10.44 6.62 -19.10
C ALA B 137 -10.38 5.48 -20.14
N PRO B 138 -10.41 5.82 -21.45
CA PRO B 138 -10.36 4.78 -22.50
C PRO B 138 -9.16 3.84 -22.31
N LEU B 139 -8.00 4.38 -21.92
CA LEU B 139 -6.81 3.53 -21.68
C LEU B 139 -6.51 3.33 -20.20
N ALA B 140 -7.56 3.28 -19.38
CA ALA B 140 -7.40 3.23 -17.93
C ALA B 140 -6.46 2.11 -17.46
N GLU B 141 -6.68 0.89 -17.96
CA GLU B 141 -5.89 -0.25 -17.51
C GLU B 141 -4.42 -0.17 -17.96
N GLU B 142 -4.23 0.19 -19.22
CA GLU B 142 -2.87 0.39 -19.75
C GLU B 142 -2.09 1.40 -18.89
N TRP B 143 -2.72 2.54 -18.60
CA TRP B 143 -2.06 3.61 -17.86
C TRP B 143 -1.94 3.31 -16.37
N ASP B 144 -2.90 2.57 -15.82
CA ASP B 144 -2.84 2.20 -14.40
C ASP B 144 -1.79 1.12 -14.10
N ASN B 145 -1.44 0.33 -15.11
CA ASN B 145 -0.50 -0.80 -14.94
C ASN B 145 0.97 -0.42 -15.15
N MET B 146 1.21 0.88 -15.31
CA MET B 146 2.53 1.46 -15.57
C MET B 146 2.81 2.44 -14.42
N THR B 147 4.05 2.53 -13.97
CA THR B 147 4.43 3.61 -13.03
C THR B 147 4.74 4.90 -13.79
N MET B 148 4.76 6.02 -13.08
CA MET B 148 5.22 7.28 -13.68
C MET B 148 6.68 7.19 -14.16
N LYS B 149 7.49 6.38 -13.48
CA LYS B 149 8.88 6.18 -13.93
C LYS B 149 8.92 5.58 -15.35
N GLU B 150 8.12 4.55 -15.58
CA GLU B 150 8.00 3.94 -16.91
C GLU B 150 7.56 4.92 -17.97
N LEU B 151 6.51 5.68 -17.68
CA LEU B 151 6.03 6.70 -18.61
C LEU B 151 7.10 7.76 -18.91
N LEU B 152 7.78 8.28 -17.88
CA LEU B 152 8.86 9.27 -18.07
C LEU B 152 10.00 8.72 -18.91
N ASP B 153 10.39 7.48 -18.63
CA ASP B 153 11.44 6.79 -19.39
C ASP B 153 11.10 6.66 -20.88
N LYS B 154 9.83 6.42 -21.20
CA LYS B 154 9.38 6.33 -22.59
C LYS B 154 9.34 7.69 -23.28
N LEU B 155 8.88 8.71 -22.55
CA LEU B 155 8.59 10.02 -23.11
C LEU B 155 9.81 10.95 -23.23
N CYS B 156 10.71 10.90 -22.26
CA CYS B 156 11.82 11.84 -22.19
C CYS B 156 13.08 11.33 -22.89
N TRP B 157 13.42 11.98 -23.99
CA TRP B 157 14.62 11.61 -24.76
C TRP B 157 15.90 12.28 -24.23
N THR B 158 15.76 13.25 -23.33
CA THR B 158 16.90 13.92 -22.68
C THR B 158 16.88 13.72 -21.17
N GLU B 159 18.07 13.60 -20.59
CA GLU B 159 18.21 13.53 -19.14
C GLU B 159 17.72 14.82 -18.45
N SER B 160 17.92 15.95 -19.13
CA SER B 160 17.42 17.24 -18.65
C SER B 160 15.91 17.22 -18.38
N ALA B 161 15.13 16.81 -19.38
CA ALA B 161 13.68 16.70 -19.23
C ALA B 161 13.32 15.69 -18.12
N LYS B 162 14.02 14.56 -18.11
CA LYS B 162 13.75 13.51 -17.13
C LYS B 162 13.99 13.99 -15.68
N GLN B 163 15.04 14.78 -15.49
CA GLN B 163 15.33 15.36 -14.16
C GLN B 163 14.23 16.32 -13.70
N LEU B 164 13.82 17.23 -14.59
CA LEU B 164 12.72 18.16 -14.24
C LEU B 164 11.36 17.45 -14.08
N ALA B 165 11.07 16.48 -14.94
CA ALA B 165 9.83 15.69 -14.84
C ALA B 165 9.76 14.92 -13.52
N THR B 166 10.90 14.37 -13.10
CA THR B 166 11.00 13.64 -11.83
C THR B 166 10.72 14.58 -10.65
N LEU B 167 11.36 15.76 -10.66
CA LEU B 167 11.15 16.77 -9.62
C LEU B 167 9.67 17.15 -9.55
N PHE B 168 9.07 17.38 -10.72
CA PHE B 168 7.64 17.68 -10.86
C PHE B 168 6.76 16.63 -10.16
N VAL B 169 6.99 15.34 -10.46
CA VAL B 169 6.24 14.28 -9.77
C VAL B 169 6.47 14.31 -8.25
N ASN B 170 7.74 14.37 -7.85
CA ASN B 170 8.12 14.37 -6.43
C ASN B 170 7.44 15.51 -5.69
N LEU B 171 7.39 16.69 -6.31
CA LEU B 171 6.88 17.90 -5.67
C LEU B 171 5.35 17.92 -5.62
N CYS B 172 4.69 17.39 -6.64
CA CYS B 172 3.22 17.35 -6.68
C CYS B 172 2.63 16.39 -5.67
N VAL B 173 3.26 15.23 -5.53
CA VAL B 173 2.62 14.14 -4.77
C VAL B 173 3.52 13.47 -3.70
N THR B 174 4.62 14.14 -3.36
CA THR B 174 5.57 13.69 -2.31
C THR B 174 5.90 12.20 -2.37
N ALA B 175 6.07 11.70 -3.60
CA ALA B 175 6.36 10.29 -3.83
C ALA B 175 7.27 10.15 -5.03
N GLU B 176 7.92 8.99 -5.11
CA GLU B 176 8.85 8.70 -6.19
C GLU B 176 8.10 8.31 -7.46
N THR B 177 8.67 8.61 -8.63
CA THR B 177 8.03 8.27 -9.90
C THR B 177 7.71 6.77 -10.00
N HIS B 178 8.59 5.94 -9.45
CA HIS B 178 8.40 4.48 -9.48
C HIS B 178 7.35 3.98 -8.48
N GLU B 179 6.96 4.82 -7.52
CA GLU B 179 5.96 4.41 -6.50
C GLU B 179 4.50 4.52 -6.96
N VAL B 180 4.25 5.38 -7.95
CA VAL B 180 2.88 5.81 -8.30
C VAL B 180 2.41 5.35 -9.68
N SER B 181 1.11 5.04 -9.76
CA SER B 181 0.43 4.74 -11.02
C SER B 181 0.44 5.94 -11.98
N ALA B 182 0.75 5.69 -13.26
CA ALA B 182 0.65 6.74 -14.27
C ALA B 182 -0.77 7.26 -14.40
N LEU B 183 -1.77 6.37 -14.44
CA LEU B 183 -3.18 6.80 -14.53
C LEU B 183 -3.56 7.73 -13.36
N TRP B 184 -3.23 7.29 -12.14
CA TRP B 184 -3.58 8.10 -10.97
C TRP B 184 -2.87 9.47 -11.01
N PHE B 185 -1.58 9.48 -11.35
CA PHE B 185 -0.85 10.76 -11.38
C PHE B 185 -1.40 11.72 -12.43
N LEU B 186 -1.69 11.20 -13.63
CA LEU B 186 -2.26 12.01 -14.68
C LEU B 186 -3.65 12.54 -14.33
N TRP B 187 -4.44 11.72 -13.63
CA TRP B 187 -5.71 12.18 -13.08
C TRP B 187 -5.48 13.33 -12.10
N TYR B 188 -4.53 13.13 -11.19
CA TYR B 188 -4.24 14.11 -10.14
C TYR B 188 -3.97 15.49 -10.70
N VAL B 189 -3.13 15.56 -11.73
CA VAL B 189 -2.76 16.82 -12.38
C VAL B 189 -3.97 17.43 -13.11
N LYS B 190 -4.66 16.61 -13.88
CA LYS B 190 -5.84 17.06 -14.62
C LYS B 190 -6.92 17.65 -13.73
N GLN B 191 -7.16 17.00 -12.58
CA GLN B 191 -8.21 17.45 -11.66
C GLN B 191 -7.83 18.69 -10.84
N CYS B 192 -6.58 19.13 -10.95
CA CYS B 192 -6.17 20.47 -10.46
C CYS B 192 -6.23 21.54 -11.56
N GLY B 193 -6.61 21.14 -12.78
CA GLY B 193 -6.66 22.07 -13.90
C GLY B 193 -5.51 22.00 -14.90
N GLY B 194 -4.61 21.03 -14.71
CA GLY B 194 -3.50 20.80 -15.64
C GLY B 194 -2.14 21.30 -15.18
N THR B 195 -1.13 21.09 -16.01
CA THR B 195 0.25 21.36 -15.61
C THR B 195 0.50 22.80 -15.18
N THR B 196 0.09 23.76 -16.02
CA THR B 196 0.34 25.18 -15.73
C THR B 196 -0.31 25.62 -14.41
N ARG B 197 -1.58 25.29 -14.23
CA ARG B 197 -2.32 25.67 -13.03
C ARG B 197 -1.68 25.10 -11.75
N ILE B 198 -1.29 23.82 -11.81
CA ILE B 198 -0.74 23.16 -10.61
C ILE B 198 0.64 23.70 -10.19
N ILE B 199 1.46 24.10 -11.17
CA ILE B 199 2.85 24.54 -10.86
C ILE B 199 2.96 26.04 -10.59
N SER B 200 1.91 26.79 -10.89
CA SER B 200 2.03 28.25 -10.89
C SER B 200 1.81 28.86 -9.51
N THR B 201 2.63 29.85 -9.18
CA THR B 201 2.38 30.74 -8.04
C THR B 201 1.37 31.80 -8.50
N THR B 202 1.81 32.80 -9.26
CA THR B 202 0.88 33.74 -9.89
C THR B 202 -0.08 32.94 -10.79
N ASN B 203 -1.39 33.14 -10.58
CA ASN B 203 -2.46 32.46 -11.33
C ASN B 203 -2.55 30.93 -11.15
N GLY B 204 -2.00 30.42 -10.05
CA GLY B 204 -2.04 28.98 -9.78
C GLY B 204 -2.24 28.57 -8.33
N GLY B 205 -1.98 27.29 -8.04
CA GLY B 205 -2.24 26.75 -6.71
C GLY B 205 -1.50 27.42 -5.56
N GLN B 206 -0.35 28.03 -5.84
CA GLN B 206 0.49 28.63 -4.79
C GLN B 206 0.38 30.16 -4.73
N GLU B 207 -0.68 30.74 -5.29
CA GLU B 207 -0.76 32.21 -5.35
C GLU B 207 -0.79 32.91 -3.99
N ARG B 208 -1.50 32.33 -3.03
CA ARG B 208 -1.85 33.00 -1.78
C ARG B 208 -1.70 32.15 -0.53
N LYS B 209 -1.59 32.81 0.62
CA LYS B 209 -1.67 32.18 1.95
C LYS B 209 -2.71 32.95 2.79
N PHE B 210 -3.18 32.35 3.87
CA PHE B 210 -4.10 33.04 4.79
C PHE B 210 -3.34 33.88 5.80
N VAL B 211 -3.74 35.15 5.95
CA VAL B 211 -3.23 35.99 7.02
C VAL B 211 -3.54 35.33 8.37
N GLY B 212 -2.50 35.04 9.16
CA GLY B 212 -2.65 34.36 10.46
C GLY B 212 -2.64 32.84 10.42
N GLY B 213 -2.64 32.26 9.21
CA GLY B 213 -2.50 30.80 9.06
C GLY B 213 -3.76 30.08 8.70
N SER B 214 -3.61 28.95 8.01
CA SER B 214 -4.75 28.14 7.54
C SER B 214 -5.43 27.35 8.66
N GLY B 215 -4.71 27.11 9.76
CA GLY B 215 -5.27 26.45 10.94
C GLY B 215 -6.51 27.15 11.49
N GLN B 216 -6.61 28.44 11.19
CA GLN B 216 -7.76 29.25 11.61
C GLN B 216 -9.09 28.79 11.00
N VAL B 217 -9.03 28.15 9.83
CA VAL B 217 -10.24 27.61 9.21
C VAL B 217 -10.92 26.60 10.16
N SER B 218 -10.17 25.57 10.58
CA SER B 218 -10.71 24.55 11.46
C SER B 218 -10.99 25.08 12.86
N GLU B 219 -10.09 25.93 13.35
CA GLU B 219 -10.23 26.55 14.67
C GLU B 219 -11.52 27.38 14.77
N ARG B 220 -11.78 28.18 13.74
CA ARG B 220 -12.95 29.08 13.79
C ARG B 220 -14.28 28.33 13.62
N ILE B 221 -14.26 27.22 12.89
CA ILE B 221 -15.45 26.35 12.83
C ILE B 221 -15.68 25.65 14.17
N MET B 222 -14.61 25.25 14.83
CA MET B 222 -14.74 24.66 16.16
C MET B 222 -15.33 25.67 17.13
N ASP B 223 -14.94 26.93 17.01
CA ASP B 223 -15.54 28.04 17.78
C ASP B 223 -17.06 28.12 17.55
N LEU B 224 -17.47 28.01 16.28
CA LEU B 224 -18.88 28.06 15.89
C LEU B 224 -19.71 26.87 16.36
N LEU B 225 -19.07 25.72 16.56
CA LEU B 225 -19.79 24.51 16.93
C LEU B 225 -19.94 24.30 18.44
N GLY B 226 -19.37 25.20 19.23
CA GLY B 226 -19.57 25.17 20.68
C GLY B 226 -18.83 24.02 21.35
N ASP B 227 -19.59 23.13 21.98
CA ASP B 227 -19.00 21.97 22.64
C ASP B 227 -19.26 20.69 21.84
N ARG B 228 -19.65 20.86 20.59
CA ARG B 228 -19.95 19.73 19.71
C ARG B 228 -18.69 19.02 19.21
N VAL B 229 -17.54 19.70 19.28
CA VAL B 229 -16.24 19.10 18.96
C VAL B 229 -15.61 18.45 20.19
N LYS B 230 -15.29 17.17 20.06
CA LYS B 230 -14.71 16.40 21.15
C LYS B 230 -13.28 16.04 20.79
N LEU B 231 -12.33 16.66 21.48
CA LEU B 231 -10.91 16.44 21.21
C LEU B 231 -10.41 15.26 22.03
N GLU B 232 -9.33 14.65 21.56
CA GLU B 232 -8.78 13.43 22.19
C GLU B 232 -9.81 12.29 22.29
N ARG B 233 -10.61 12.16 21.23
CA ARG B 233 -11.58 11.07 21.06
C ARG B 233 -11.27 10.30 19.77
N PRO B 234 -10.19 9.50 19.76
CA PRO B 234 -9.96 8.68 18.57
C PRO B 234 -11.05 7.62 18.47
N VAL B 235 -11.70 7.52 17.30
CA VAL B 235 -12.70 6.47 17.05
C VAL B 235 -12.00 5.12 16.85
N ILE B 236 -12.52 4.10 17.55
CA ILE B 236 -11.96 2.75 17.54
C ILE B 236 -12.94 1.69 16.99
N TYR B 237 -14.25 2.00 16.98
CA TYR B 237 -15.26 0.99 16.74
C TYR B 237 -16.54 1.62 16.17
N ILE B 238 -17.04 1.07 15.07
CA ILE B 238 -18.32 1.50 14.51
C ILE B 238 -19.21 0.28 14.30
N ASP B 239 -20.41 0.33 14.89
CA ASP B 239 -21.35 -0.80 14.89
C ASP B 239 -22.63 -0.37 14.19
N GLN B 240 -22.97 -1.05 13.11
CA GLN B 240 -24.16 -0.73 12.33
C GLN B 240 -25.20 -1.86 12.32
N THR B 241 -25.16 -2.72 13.33
CA THR B 241 -26.06 -3.88 13.37
C THR B 241 -27.46 -3.53 13.90
N ARG B 242 -27.60 -2.36 14.52
CA ARG B 242 -28.87 -1.96 15.16
C ARG B 242 -29.51 -0.75 14.49
N GLU B 243 -30.65 -0.29 15.06
CA GLU B 243 -31.45 0.82 14.53
C GLU B 243 -30.63 2.11 14.34
N ASN B 244 -29.90 2.50 15.38
CA ASN B 244 -28.98 3.64 15.32
C ASN B 244 -27.54 3.15 15.27
N VAL B 245 -26.68 3.91 14.58
CA VAL B 245 -25.26 3.58 14.50
C VAL B 245 -24.55 3.91 15.82
N LEU B 246 -23.69 3.00 16.27
CA LEU B 246 -22.92 3.22 17.49
C LEU B 246 -21.45 3.48 17.18
N VAL B 247 -20.92 4.56 17.76
CA VAL B 247 -19.51 4.94 17.55
C VAL B 247 -18.80 5.03 18.89
N GLU B 248 -17.77 4.22 19.05
CA GLU B 248 -17.00 4.18 20.29
C GLU B 248 -15.60 4.79 20.12
N THR B 249 -15.16 5.52 21.15
CA THR B 249 -13.86 6.16 21.17
C THR B 249 -12.88 5.42 22.10
N LEU B 250 -11.59 5.71 21.92
CA LEU B 250 -10.53 5.10 22.73
C LEU B 250 -10.65 5.42 24.22
N ASN B 251 -11.11 6.64 24.52
CA ASN B 251 -11.32 7.06 25.91
C ASN B 251 -12.68 6.60 26.48
N HIS B 252 -13.23 5.55 25.84
CA HIS B 252 -14.34 4.75 26.37
C HIS B 252 -15.77 5.28 26.16
N GLU B 253 -15.89 6.44 25.52
CA GLU B 253 -17.19 7.07 25.28
C GLU B 253 -17.96 6.40 24.14
N MET B 254 -19.28 6.44 24.23
CA MET B 254 -20.17 5.89 23.20
C MET B 254 -21.06 6.98 22.59
N TYR B 255 -21.13 7.00 21.27
CA TYR B 255 -21.98 7.94 20.55
C TYR B 255 -22.99 7.21 19.69
N GLU B 256 -24.19 7.77 19.58
CA GLU B 256 -25.28 7.16 18.87
C GLU B 256 -25.81 8.15 17.85
N ALA B 257 -25.91 7.73 16.59
CA ALA B 257 -26.33 8.61 15.50
C ALA B 257 -27.14 7.91 14.42
N LYS B 258 -27.85 8.69 13.62
CA LYS B 258 -28.56 8.17 12.46
C LYS B 258 -27.58 7.84 11.33
N TYR B 259 -26.56 8.69 11.18
CA TYR B 259 -25.56 8.57 10.10
C TYR B 259 -24.15 8.93 10.58
N VAL B 260 -23.14 8.49 9.82
CA VAL B 260 -21.76 8.82 10.12
C VAL B 260 -21.07 9.41 8.89
N ILE B 261 -20.22 10.40 9.09
CA ILE B 261 -19.29 10.83 8.03
C ILE B 261 -17.86 10.47 8.43
N SER B 262 -17.18 9.68 7.58
CA SER B 262 -15.77 9.38 7.80
C SER B 262 -14.96 10.44 7.08
N ALA B 263 -14.31 11.32 7.84
CA ALA B 263 -13.56 12.43 7.23
C ALA B 263 -12.05 12.31 7.49
N ILE B 264 -11.56 11.08 7.44
CA ILE B 264 -10.15 10.79 7.70
C ILE B 264 -9.52 10.23 6.43
N PRO B 265 -8.17 10.30 6.31
CA PRO B 265 -7.52 9.68 5.15
C PRO B 265 -7.98 8.23 4.97
N PRO B 266 -8.19 7.77 3.71
CA PRO B 266 -8.76 6.44 3.53
C PRO B 266 -8.06 5.32 4.32
N THR B 267 -6.73 5.27 4.28
CA THR B 267 -6.01 4.19 4.98
C THR B 267 -6.21 4.22 6.51
N LEU B 268 -6.42 5.40 7.09
CA LEU B 268 -6.66 5.50 8.54
C LEU B 268 -7.99 4.90 8.99
N GLY B 269 -8.84 4.55 8.02
CA GLY B 269 -10.01 3.69 8.28
C GLY B 269 -9.62 2.35 8.91
N MET B 270 -8.35 1.95 8.71
CA MET B 270 -7.86 0.71 9.32
C MET B 270 -7.81 0.75 10.85
N LYS B 271 -7.73 1.95 11.41
CA LYS B 271 -7.65 2.13 12.87
C LYS B 271 -9.00 1.88 13.56
N ILE B 272 -10.05 1.67 12.77
CA ILE B 272 -11.40 1.43 13.26
C ILE B 272 -11.83 -0.03 13.03
N HIS B 273 -12.40 -0.65 14.06
CA HIS B 273 -12.92 -2.02 13.96
C HIS B 273 -14.39 -1.91 13.60
N PHE B 274 -14.80 -2.64 12.56
CA PHE B 274 -16.16 -2.53 12.03
C PHE B 274 -17.04 -3.73 12.33
N ASN B 275 -18.30 -3.45 12.66
CA ASN B 275 -19.33 -4.47 12.85
C ASN B 275 -20.60 -4.00 12.14
N PRO B 276 -21.08 -4.74 11.12
CA PRO B 276 -20.47 -5.93 10.53
C PRO B 276 -19.17 -5.55 9.83
N PRO B 277 -18.36 -6.55 9.43
CA PRO B 277 -17.11 -6.20 8.72
C PRO B 277 -17.40 -5.38 7.46
N LEU B 278 -16.42 -4.61 7.00
CA LEU B 278 -16.59 -3.85 5.75
C LEU B 278 -16.78 -4.81 4.57
N PRO B 279 -17.45 -4.35 3.51
CA PRO B 279 -17.51 -5.13 2.27
C PRO B 279 -16.09 -5.44 1.79
N MET B 280 -15.91 -6.57 1.09
CA MET B 280 -14.58 -7.01 0.64
C MET B 280 -13.74 -5.92 -0.02
N MET B 281 -14.34 -5.17 -0.94
CA MET B 281 -13.57 -4.21 -1.75
C MET B 281 -13.00 -3.07 -0.89
N ARG B 282 -13.80 -2.52 0.01
CA ARG B 282 -13.29 -1.51 0.93
C ARG B 282 -12.30 -2.07 1.95
N ASN B 283 -12.57 -3.30 2.43
CA ASN B 283 -11.65 -3.99 3.35
C ASN B 283 -10.22 -4.00 2.80
N GLN B 284 -10.06 -4.38 1.55
CA GLN B 284 -8.73 -4.41 0.92
C GLN B 284 -8.26 -3.03 0.44
N MET B 285 -9.17 -2.19 -0.05
CA MET B 285 -8.78 -0.85 -0.53
C MET B 285 -7.99 -0.05 0.50
N ILE B 286 -8.45 -0.06 1.74
CA ILE B 286 -7.85 0.76 2.79
C ILE B 286 -6.46 0.26 3.25
N THR B 287 -5.99 -0.85 2.67
CA THR B 287 -4.62 -1.33 2.89
C THR B 287 -3.71 -1.00 1.70
N ARG B 288 -4.26 -0.38 0.66
CA ARG B 288 -3.56 -0.23 -0.61
C ARG B 288 -3.25 1.21 -0.99
N VAL B 289 -3.45 2.12 -0.05
CA VAL B 289 -3.50 3.56 -0.34
C VAL B 289 -2.67 4.39 0.67
N PRO B 290 -1.34 4.36 0.55
CA PRO B 290 -0.47 5.11 1.47
C PRO B 290 -0.48 6.62 1.21
N LEU B 291 0.01 7.40 2.17
CA LEU B 291 0.24 8.84 1.93
C LEU B 291 1.72 9.08 1.70
N GLY B 292 2.03 10.21 1.05
CA GLY B 292 3.42 10.54 0.71
C GLY B 292 4.25 10.98 1.90
N SER B 293 5.51 11.36 1.62
CA SER B 293 6.46 11.67 2.69
C SER B 293 7.09 13.03 2.47
N VAL B 294 7.07 13.87 3.49
CA VAL B 294 7.60 15.23 3.37
C VAL B 294 7.98 15.83 4.72
N ILE B 295 9.06 16.60 4.72
CA ILE B 295 9.39 17.47 5.84
C ILE B 295 9.29 18.90 5.33
N LYS B 296 8.42 19.69 5.96
CA LYS B 296 8.31 21.11 5.66
C LYS B 296 9.21 21.91 6.60
N CYS B 297 10.08 22.74 6.02
CA CYS B 297 11.16 23.40 6.77
C CYS B 297 11.12 24.89 6.45
N ILE B 298 11.19 25.73 7.50
CA ILE B 298 11.16 27.17 7.31
C ILE B 298 12.38 27.80 8.04
N VAL B 299 13.27 28.41 7.25
CA VAL B 299 14.46 29.10 7.79
C VAL B 299 14.20 30.60 7.79
N TYR B 300 14.41 31.22 8.95
CA TYR B 300 14.14 32.65 9.15
C TYR B 300 15.42 33.47 9.08
N TYR B 301 15.30 34.68 8.52
CA TYR B 301 16.42 35.60 8.38
C TYR B 301 16.04 37.00 8.85
N LYS B 302 17.05 37.84 9.11
CA LYS B 302 16.83 39.23 9.53
C LYS B 302 16.05 40.00 8.46
N GLU B 303 16.41 39.81 7.18
CA GLU B 303 15.76 40.49 6.05
C GLU B 303 15.54 39.53 4.87
N PRO B 304 14.58 39.85 3.98
CA PRO B 304 14.43 39.03 2.76
C PRO B 304 15.51 39.41 1.74
N PHE B 305 16.75 39.06 2.05
CA PHE B 305 17.94 39.55 1.35
C PHE B 305 17.98 39.20 -0.14
N TRP B 306 17.33 38.10 -0.50
CA TRP B 306 17.26 37.64 -1.89
C TRP B 306 16.63 38.68 -2.82
N ARG B 307 15.65 39.43 -2.31
CA ARG B 307 14.97 40.46 -3.10
C ARG B 307 15.94 41.54 -3.63
N LYS B 308 16.99 41.84 -2.87
CA LYS B 308 18.00 42.82 -3.30
C LYS B 308 18.77 42.37 -4.54
N LYS B 309 18.88 41.05 -4.74
CA LYS B 309 19.55 40.49 -5.91
C LYS B 309 18.57 40.20 -7.05
N ASP B 310 17.34 40.71 -6.93
CA ASP B 310 16.26 40.50 -7.90
C ASP B 310 15.85 39.02 -8.00
N TYR B 311 15.84 38.35 -6.86
CA TYR B 311 15.34 37.00 -6.73
C TYR B 311 14.10 37.03 -5.83
N CYS B 312 13.04 36.32 -6.20
CA CYS B 312 11.81 36.32 -5.39
C CYS B 312 11.86 35.36 -4.20
N GLY B 313 12.77 34.39 -4.24
CA GLY B 313 12.86 33.38 -3.19
C GLY B 313 12.46 31.98 -3.65
N THR B 314 11.88 31.90 -4.84
CA THR B 314 11.55 30.61 -5.45
C THR B 314 12.80 29.98 -6.03
N MET B 315 13.07 28.74 -5.62
CA MET B 315 14.21 27.96 -6.11
C MET B 315 13.70 26.58 -6.51
N ILE B 316 14.05 26.18 -7.73
CA ILE B 316 13.76 24.84 -8.25
C ILE B 316 15.13 24.18 -8.42
N ILE B 317 15.40 23.16 -7.61
CA ILE B 317 16.77 22.64 -7.46
C ILE B 317 16.83 21.15 -7.85
N ASP B 318 17.40 20.88 -9.03
CA ASP B 318 17.46 19.52 -9.58
C ASP B 318 18.49 18.65 -8.83
N GLY B 319 18.31 17.34 -8.89
CA GLY B 319 19.40 16.41 -8.53
C GLY B 319 19.27 15.71 -7.19
N GLU B 320 20.07 14.67 -7.02
CA GLU B 320 20.02 13.83 -5.82
C GLU B 320 20.64 14.51 -4.59
N GLU B 321 21.71 15.26 -4.78
CA GLU B 321 22.46 15.79 -3.65
C GLU B 321 21.68 16.81 -2.80
N ALA B 322 20.95 17.70 -3.46
CA ALA B 322 20.20 18.76 -2.76
C ALA B 322 19.15 18.18 -1.79
N PRO B 323 19.15 18.61 -0.52
CA PRO B 323 18.14 18.10 0.41
C PRO B 323 16.72 18.60 0.09
N VAL B 324 16.65 19.82 -0.42
CA VAL B 324 15.39 20.50 -0.73
C VAL B 324 15.35 20.75 -2.23
N ALA B 325 14.27 20.32 -2.89
CA ALA B 325 14.13 20.50 -4.33
C ALA B 325 13.34 21.75 -4.70
N TYR B 326 12.63 22.35 -3.73
CA TYR B 326 11.78 23.49 -4.03
C TYR B 326 11.56 24.40 -2.83
N THR B 327 11.67 25.70 -3.06
CA THR B 327 11.41 26.70 -2.03
C THR B 327 10.45 27.79 -2.52
N LEU B 328 9.78 28.44 -1.56
CA LEU B 328 9.07 29.69 -1.81
C LEU B 328 9.40 30.70 -0.69
N ASP B 329 9.32 31.99 -1.01
CA ASP B 329 9.43 33.06 -0.02
C ASP B 329 8.28 32.93 0.98
N ASP B 330 8.60 32.79 2.28
CA ASP B 330 7.56 32.70 3.32
C ASP B 330 7.48 33.97 4.20
N THR B 331 8.11 35.05 3.75
CA THR B 331 8.06 36.34 4.44
C THR B 331 6.62 36.83 4.59
N LYS B 332 6.33 37.49 5.72
CA LYS B 332 5.00 38.04 5.99
C LYS B 332 4.70 39.23 5.08
N PRO B 333 3.39 39.53 4.88
CA PRO B 333 3.00 40.59 3.94
C PRO B 333 3.63 41.94 4.28
N GLU B 334 3.89 42.18 5.56
CA GLU B 334 4.49 43.44 6.01
C GLU B 334 5.98 43.54 5.64
N GLY B 335 6.57 42.42 5.23
CA GLY B 335 7.99 42.39 4.85
C GLY B 335 8.88 41.98 6.00
N ASN B 336 8.26 41.65 7.12
CA ASN B 336 9.01 41.23 8.30
C ASN B 336 8.88 39.72 8.48
N TYR B 337 9.58 39.17 9.47
CA TYR B 337 9.71 37.72 9.64
C TYR B 337 10.18 37.05 8.34
N ALA B 338 11.22 37.63 7.73
CA ALA B 338 11.79 37.10 6.49
C ALA B 338 12.07 35.62 6.63
N ALA B 339 11.74 34.83 5.61
CA ALA B 339 11.86 33.39 5.69
C ALA B 339 11.80 32.72 4.32
N ILE B 340 12.42 31.55 4.23
CA ILE B 340 12.33 30.67 3.06
C ILE B 340 11.69 29.37 3.50
N MET B 341 10.61 28.98 2.82
CA MET B 341 9.99 27.68 3.02
C MET B 341 10.59 26.69 2.02
N GLY B 342 10.99 25.52 2.50
CA GLY B 342 11.49 24.45 1.62
C GLY B 342 10.90 23.10 1.97
N PHE B 343 10.78 22.21 0.99
CA PHE B 343 10.23 20.85 1.19
C PHE B 343 11.36 19.85 1.02
N ILE B 344 11.48 18.92 1.97
CA ILE B 344 12.35 17.74 1.81
C ILE B 344 11.44 16.59 1.39
N LEU B 345 11.62 16.11 0.16
CA LEU B 345 10.59 15.32 -0.52
C LEU B 345 10.85 13.81 -0.59
N ALA B 346 9.80 13.02 -0.36
CA ALA B 346 9.81 11.57 -0.66
C ALA B 346 10.99 10.83 -0.02
N HIS B 347 11.84 10.14 -0.79
CA HIS B 347 12.95 9.37 -0.16
C HIS B 347 13.90 10.24 0.68
N LYS B 348 14.02 11.53 0.35
CA LYS B 348 14.90 12.40 1.12
C LYS B 348 14.33 12.71 2.50
N ALA B 349 13.00 12.71 2.62
CA ALA B 349 12.37 12.83 3.94
C ALA B 349 12.78 11.65 4.81
N ARG B 350 12.73 10.44 4.24
CA ARG B 350 13.14 9.23 4.94
C ARG B 350 14.61 9.24 5.32
N LYS B 351 15.47 9.61 4.36
CA LYS B 351 16.91 9.58 4.57
C LYS B 351 17.37 10.60 5.61
N LEU B 352 16.88 11.83 5.50
CA LEU B 352 17.37 12.95 6.31
C LEU B 352 16.69 13.07 7.67
N ALA B 353 15.70 12.23 7.90
CA ALA B 353 15.01 12.19 9.20
C ALA B 353 15.95 11.73 10.32
N ARG B 354 16.98 10.96 9.96
CA ARG B 354 17.96 10.45 10.93
C ARG B 354 18.78 11.55 11.60
N LEU B 355 18.89 12.70 10.93
CA LEU B 355 19.67 13.85 11.41
C LEU B 355 18.98 14.61 12.53
N THR B 356 19.75 15.45 13.23
CA THR B 356 19.20 16.38 14.21
C THR B 356 18.60 17.58 13.49
N LYS B 357 17.75 18.33 14.19
CA LYS B 357 17.17 19.57 13.68
C LYS B 357 18.26 20.55 13.26
N GLU B 358 19.32 20.62 14.06
CA GLU B 358 20.45 21.52 13.81
C GLU B 358 21.23 21.09 12.57
N GLU B 359 21.42 19.78 12.39
CA GLU B 359 22.06 19.23 11.21
C GLU B 359 21.30 19.55 9.91
N ARG B 360 19.98 19.43 9.95
CA ARG B 360 19.15 19.81 8.81
C ARG B 360 19.24 21.30 8.51
N LEU B 361 19.17 22.14 9.56
CA LEU B 361 19.32 23.59 9.40
C LEU B 361 20.60 23.95 8.66
N LYS B 362 21.72 23.37 9.08
CA LYS B 362 23.03 23.63 8.45
C LYS B 362 23.01 23.24 6.96
N LYS B 363 22.48 22.05 6.63
CA LYS B 363 22.41 21.60 5.23
C LYS B 363 21.55 22.52 4.34
N LEU B 364 20.42 22.96 4.88
CA LEU B 364 19.55 23.89 4.15
C LEU B 364 20.21 25.24 3.93
N CYS B 365 20.81 25.79 4.99
CA CYS B 365 21.49 27.08 4.87
C CYS B 365 22.63 27.07 3.84
N GLU B 366 23.45 26.03 3.86
CA GLU B 366 24.54 25.89 2.88
C GLU B 366 24.03 25.72 1.44
N LEU B 367 22.96 24.94 1.28
CA LEU B 367 22.31 24.82 -0.03
C LEU B 367 21.79 26.18 -0.53
N TYR B 368 21.06 26.89 0.34
CA TYR B 368 20.49 28.17 -0.05
C TYR B 368 21.57 29.21 -0.37
N ALA B 369 22.67 29.16 0.38
CA ALA B 369 23.81 30.05 0.11
C ALA B 369 24.37 29.84 -1.29
N LYS B 370 24.48 28.58 -1.71
CA LYS B 370 24.94 28.26 -3.06
C LYS B 370 23.96 28.70 -4.15
N VAL B 371 22.68 28.39 -3.94
CA VAL B 371 21.66 28.66 -4.97
C VAL B 371 21.37 30.17 -5.12
N LEU B 372 21.25 30.86 -3.98
CA LEU B 372 21.03 32.31 -3.98
C LEU B 372 22.32 33.10 -4.19
N GLY B 373 23.46 32.42 -4.15
CA GLY B 373 24.78 33.08 -4.26
C GLY B 373 24.97 34.15 -3.20
N SER B 374 24.64 33.84 -1.95
CA SER B 374 24.72 34.83 -0.89
C SER B 374 25.18 34.25 0.45
N LEU B 375 26.20 34.87 1.04
CA LEU B 375 26.64 34.46 2.37
C LEU B 375 25.61 34.76 3.45
N GLU B 376 24.65 35.62 3.17
CA GLU B 376 23.60 35.94 4.15
C GLU B 376 22.74 34.73 4.51
N ALA B 377 22.66 33.76 3.60
CA ALA B 377 21.90 32.52 3.85
C ALA B 377 22.48 31.66 4.97
N LEU B 378 23.74 31.92 5.32
CA LEU B 378 24.47 31.17 6.34
C LEU B 378 24.23 31.72 7.75
N GLU B 379 23.43 32.78 7.85
CA GLU B 379 23.14 33.38 9.15
C GLU B 379 21.66 33.38 9.52
N PRO B 380 21.06 32.18 9.73
CA PRO B 380 19.65 32.14 10.12
C PRO B 380 19.42 32.71 11.52
N VAL B 381 18.23 33.25 11.75
CA VAL B 381 17.89 33.78 13.09
C VAL B 381 16.94 32.83 13.84
N HIS B 382 16.32 31.92 13.09
CA HIS B 382 15.37 30.98 13.67
C HIS B 382 15.05 29.88 12.66
N TYR B 383 14.50 28.77 13.15
CA TYR B 383 14.16 27.61 12.31
C TYR B 383 12.95 26.86 12.87
N GLU B 384 12.02 26.48 12.00
CA GLU B 384 10.92 25.58 12.36
C GLU B 384 10.76 24.50 11.27
N GLU B 385 10.32 23.31 11.67
CA GLU B 385 10.10 22.21 10.72
C GLU B 385 9.07 21.24 11.25
N LYS B 386 8.48 20.46 10.34
CA LYS B 386 7.61 19.35 10.72
C LYS B 386 7.75 18.19 9.75
N ASN B 387 8.08 17.03 10.31
CA ASN B 387 8.12 15.79 9.55
C ASN B 387 6.78 15.06 9.64
N TRP B 388 5.98 15.13 8.58
CA TRP B 388 4.64 14.57 8.59
C TRP B 388 4.60 13.04 8.52
N CYS B 389 5.75 12.41 8.25
CA CYS B 389 5.83 10.95 8.27
C CYS B 389 5.62 10.38 9.67
N GLU B 390 5.84 11.19 10.70
CA GLU B 390 5.75 10.69 12.08
C GLU B 390 4.33 10.67 12.68
N GLU B 391 3.37 11.23 11.94
CA GLU B 391 2.02 11.45 12.48
C GLU B 391 1.09 10.22 12.42
N GLN B 392 0.77 9.65 13.57
CA GLN B 392 -0.15 8.52 13.67
C GLN B 392 -1.53 8.77 13.03
N TYR B 393 -2.07 9.98 13.22
CA TYR B 393 -3.40 10.27 12.73
C TYR B 393 -3.45 11.07 11.42
N SER B 394 -2.30 11.15 10.73
CA SER B 394 -2.24 11.62 9.35
C SER B 394 -1.75 10.51 8.42
N GLY B 395 -0.62 9.89 8.77
CA GLY B 395 -0.02 8.85 7.94
C GLY B 395 0.99 9.39 6.93
N GLY B 396 0.98 10.71 6.73
CA GLY B 396 1.91 11.39 5.82
C GLY B 396 1.31 12.69 5.29
N CYS B 397 1.98 13.30 4.30
CA CYS B 397 1.48 14.48 3.57
C CYS B 397 2.10 14.50 2.17
N TYR B 398 1.50 15.22 1.20
CA TYR B 398 0.28 16.02 1.39
C TYR B 398 -0.97 15.16 1.43
N THR B 399 -0.93 14.06 0.68
CA THR B 399 -2.13 13.27 0.44
C THR B 399 -1.83 11.82 0.09
N THR B 400 -2.91 11.07 -0.17
CA THR B 400 -2.84 9.66 -0.54
C THR B 400 -2.43 9.49 -2.00
N TYR B 401 -1.45 8.62 -2.26
CA TYR B 401 -1.11 8.23 -3.62
C TYR B 401 -1.53 6.79 -3.94
N PHE B 402 -1.69 6.47 -5.22
CA PHE B 402 -2.14 5.16 -5.66
C PHE B 402 -1.02 4.45 -6.39
N PRO B 403 -0.51 3.32 -5.85
CA PRO B 403 0.50 2.53 -6.56
C PRO B 403 -0.11 1.87 -7.80
N PRO B 404 0.73 1.29 -8.68
CA PRO B 404 0.21 0.72 -9.93
C PRO B 404 -0.85 -0.38 -9.70
N GLY B 405 -1.91 -0.31 -10.49
CA GLY B 405 -3.00 -1.28 -10.47
C GLY B 405 -4.16 -1.01 -9.51
N ILE B 406 -3.99 -0.06 -8.59
CA ILE B 406 -4.96 0.12 -7.51
C ILE B 406 -6.20 0.95 -7.90
N LEU B 407 -5.98 2.03 -8.62
CA LEU B 407 -7.08 2.95 -8.95
C LEU B 407 -8.15 2.28 -9.81
N THR B 408 -7.73 1.46 -10.77
CA THR B 408 -8.72 0.78 -11.63
C THR B 408 -9.50 -0.30 -10.87
N GLN B 409 -8.83 -1.00 -9.96
CA GLN B 409 -9.44 -2.10 -9.23
C GLN B 409 -10.30 -1.69 -8.03
N TYR B 410 -9.92 -0.59 -7.37
CA TYR B 410 -10.53 -0.18 -6.11
C TYR B 410 -11.06 1.25 -6.07
N GLY B 411 -10.76 2.03 -7.11
CA GLY B 411 -11.07 3.47 -7.11
C GLY B 411 -12.54 3.80 -6.89
N ARG B 412 -13.42 3.01 -7.50
CA ARG B 412 -14.87 3.16 -7.37
C ARG B 412 -15.36 3.18 -5.92
N VAL B 413 -14.69 2.45 -5.03
CA VAL B 413 -15.26 2.35 -3.70
C VAL B 413 -14.86 3.47 -2.73
N LEU B 414 -13.98 4.38 -3.16
CA LEU B 414 -13.57 5.50 -2.28
C LEU B 414 -14.75 6.25 -1.67
N ARG B 415 -15.71 6.67 -2.48
CA ARG B 415 -16.83 7.41 -1.89
C ARG B 415 -18.17 6.67 -1.87
N GLN B 416 -18.13 5.37 -2.10
CA GLN B 416 -19.34 4.55 -2.01
C GLN B 416 -19.75 4.41 -0.54
N PRO B 417 -20.98 4.84 -0.19
CA PRO B 417 -21.43 4.68 1.19
C PRO B 417 -21.43 3.22 1.66
N VAL B 418 -21.16 3.00 2.93
CA VAL B 418 -21.29 1.68 3.54
C VAL B 418 -22.42 1.77 4.55
N ASP B 419 -23.61 1.34 4.11
CA ASP B 419 -24.85 1.44 4.90
C ASP B 419 -25.13 2.90 5.27
N ARG B 420 -24.85 3.28 6.52
CA ARG B 420 -25.10 4.67 6.96
C ARG B 420 -23.82 5.49 7.16
N ILE B 421 -22.69 4.95 6.68
CA ILE B 421 -21.42 5.68 6.68
C ILE B 421 -21.18 6.30 5.31
N TYR B 422 -21.00 7.62 5.28
CA TYR B 422 -20.64 8.36 4.07
C TYR B 422 -19.20 8.85 4.18
N PHE B 423 -18.56 9.10 3.03
CA PHE B 423 -17.11 9.36 3.01
C PHE B 423 -16.73 10.74 2.49
N ALA B 424 -16.10 11.52 3.37
CA ALA B 424 -15.55 12.81 3.01
C ALA B 424 -14.03 12.67 2.96
N GLY B 425 -13.32 13.77 3.21
CA GLY B 425 -11.86 13.77 3.11
C GLY B 425 -11.40 14.20 1.73
N THR B 426 -10.30 14.94 1.66
CA THR B 426 -9.87 15.51 0.39
C THR B 426 -9.64 14.46 -0.71
N GLU B 427 -9.28 13.25 -0.30
CA GLU B 427 -9.04 12.13 -1.23
C GLU B 427 -10.26 11.76 -2.08
N THR B 428 -11.46 12.11 -1.59
CA THR B 428 -12.72 11.84 -2.30
C THR B 428 -13.23 13.00 -3.17
N ALA B 429 -12.49 14.11 -3.23
CA ALA B 429 -12.89 15.24 -4.06
C ALA B 429 -12.68 14.96 -5.56
N THR B 430 -13.34 15.75 -6.40
CA THR B 430 -13.18 15.64 -7.85
C THR B 430 -12.47 16.84 -8.48
N HIS B 431 -12.21 17.88 -7.68
CA HIS B 431 -11.49 19.07 -8.12
C HIS B 431 -10.58 19.49 -6.97
N TRP B 432 -9.28 19.56 -7.24
CA TRP B 432 -8.26 19.82 -6.20
C TRP B 432 -8.31 18.81 -5.04
N SER B 433 -8.63 17.56 -5.37
CA SER B 433 -8.37 16.48 -4.43
C SER B 433 -6.90 16.55 -4.02
N GLY B 434 -6.64 16.41 -2.73
CA GLY B 434 -5.28 16.49 -2.20
C GLY B 434 -5.02 17.80 -1.48
N TYR B 435 -5.90 18.78 -1.71
CA TYR B 435 -5.75 20.15 -1.20
C TYR B 435 -6.86 20.51 -0.21
N MET B 436 -6.70 21.64 0.47
CA MET B 436 -7.74 22.21 1.33
C MET B 436 -9.06 22.41 0.55
N GLU B 437 -8.96 22.91 -0.68
CA GLU B 437 -10.13 23.01 -1.58
C GLU B 437 -10.92 21.68 -1.70
N GLY B 438 -10.21 20.59 -2.00
CA GLY B 438 -10.85 19.27 -2.09
C GLY B 438 -11.45 18.80 -0.76
N ALA B 439 -10.81 19.18 0.35
CA ALA B 439 -11.36 18.86 1.67
C ALA B 439 -12.76 19.52 1.83
N VAL B 440 -12.88 20.80 1.44
CA VAL B 440 -14.19 21.49 1.51
C VAL B 440 -15.22 20.83 0.59
N GLU B 441 -14.85 20.63 -0.67
CA GLU B 441 -15.74 19.99 -1.66
C GLU B 441 -16.30 18.67 -1.14
N ALA B 442 -15.42 17.82 -0.59
CA ALA B 442 -15.83 16.47 -0.17
C ALA B 442 -16.69 16.48 1.09
N GLY B 443 -16.35 17.36 2.02
CA GLY B 443 -17.08 17.49 3.29
C GLY B 443 -18.51 17.93 3.04
N GLU B 444 -18.67 18.96 2.22
CA GLU B 444 -19.99 19.48 1.90
C GLU B 444 -20.83 18.50 1.07
N ARG B 445 -20.19 17.80 0.13
CA ARG B 445 -20.87 16.74 -0.66
C ARG B 445 -21.35 15.58 0.22
N ALA B 446 -20.49 15.07 1.10
CA ALA B 446 -20.86 13.98 2.01
C ALA B 446 -22.02 14.40 2.92
N ALA B 447 -21.94 15.63 3.43
CA ALA B 447 -23.02 16.22 4.24
C ALA B 447 -24.35 16.26 3.45
N ARG B 448 -24.30 16.74 2.22
CA ARG B 448 -25.49 16.79 1.36
C ARG B 448 -26.01 15.40 0.93
N GLU B 449 -25.15 14.39 0.85
CA GLU B 449 -25.61 12.99 0.64
C GLU B 449 -26.53 12.54 1.78
N ILE B 450 -26.17 12.89 3.01
CA ILE B 450 -26.99 12.59 4.19
C ILE B 450 -28.31 13.39 4.20
N LEU B 451 -28.24 14.67 3.85
CA LEU B 451 -29.45 15.49 3.73
C LEU B 451 -30.43 14.87 2.73
N HIS B 452 -29.90 14.38 1.61
CA HIS B 452 -30.72 13.66 0.63
C HIS B 452 -31.28 12.34 1.17
N ALA B 453 -30.45 11.56 1.87
CA ALA B 453 -30.91 10.32 2.53
C ALA B 453 -32.07 10.59 3.51
N MET B 454 -32.04 11.75 4.16
CA MET B 454 -33.08 12.15 5.10
C MET B 454 -34.31 12.74 4.42
N GLY B 455 -34.26 12.86 3.09
CA GLY B 455 -35.36 13.41 2.30
C GLY B 455 -35.48 14.93 2.35
N LYS B 456 -34.43 15.60 2.84
CA LYS B 456 -34.45 17.06 3.02
C LYS B 456 -34.12 17.86 1.76
N ILE B 457 -33.36 17.27 0.84
CA ILE B 457 -33.01 17.91 -0.43
C ILE B 457 -33.14 16.90 -1.58
N PRO B 458 -33.36 17.37 -2.82
CA PRO B 458 -33.41 16.46 -3.97
C PRO B 458 -32.04 15.96 -4.41
N GLU B 459 -32.04 14.87 -5.18
CA GLU B 459 -30.81 14.24 -5.67
C GLU B 459 -29.86 15.21 -6.41
N ASP B 460 -30.42 16.11 -7.20
CA ASP B 460 -29.61 17.04 -8.00
C ASP B 460 -28.91 18.14 -7.19
N GLU B 461 -29.14 18.16 -5.88
CA GLU B 461 -28.48 19.14 -5.01
C GLU B 461 -27.31 18.56 -4.20
N ILE B 462 -27.03 17.27 -4.41
CA ILE B 462 -25.92 16.62 -3.70
C ILE B 462 -24.58 17.23 -4.15
N TRP B 463 -24.41 17.37 -5.45
CA TRP B 463 -23.24 18.03 -6.02
C TRP B 463 -23.63 19.45 -6.42
N GLN B 464 -22.87 20.42 -5.95
CA GLN B 464 -23.20 21.83 -6.16
C GLN B 464 -22.02 22.64 -6.69
N SER B 465 -22.27 23.44 -7.73
CA SER B 465 -21.26 24.34 -8.27
C SER B 465 -20.92 25.47 -7.27
N GLU B 466 -19.81 26.16 -7.50
CA GLU B 466 -19.36 27.23 -6.61
C GLU B 466 -19.11 28.50 -7.43
N PRO B 467 -19.74 29.63 -7.03
CA PRO B 467 -19.44 30.90 -7.73
C PRO B 467 -17.97 31.27 -7.57
N GLU B 468 -17.41 31.89 -8.60
CA GLU B 468 -16.00 32.30 -8.57
C GLU B 468 -15.76 33.39 -7.53
N SER B 469 -14.66 33.25 -6.78
CA SER B 469 -14.22 34.27 -5.83
C SER B 469 -14.02 35.62 -6.53
N VAL B 470 -14.47 36.68 -5.89
CA VAL B 470 -14.25 38.03 -6.42
C VAL B 470 -12.87 38.54 -6.00
N ASP B 471 -12.35 38.02 -4.89
CA ASP B 471 -11.07 38.44 -4.34
C ASP B 471 -9.89 37.78 -5.07
N VAL B 472 -10.09 36.54 -5.50
CA VAL B 472 -9.05 35.75 -6.17
C VAL B 472 -9.61 35.21 -7.48
N PRO B 473 -9.83 36.10 -8.48
CA PRO B 473 -10.37 35.60 -9.74
C PRO B 473 -9.33 34.84 -10.54
N ALA B 474 -9.80 33.92 -11.39
CA ALA B 474 -8.91 33.11 -12.22
C ALA B 474 -8.74 33.72 -13.60
N GLN B 475 -7.50 33.76 -14.08
CA GLN B 475 -7.23 34.12 -15.46
C GLN B 475 -7.05 32.84 -16.28
N PRO B 476 -7.43 32.86 -17.57
CA PRO B 476 -7.33 31.61 -18.32
C PRO B 476 -5.88 31.13 -18.50
N ILE B 477 -5.72 29.82 -18.64
CA ILE B 477 -4.43 29.22 -18.97
C ILE B 477 -4.30 29.25 -20.49
N THR B 478 -3.18 29.78 -20.97
CA THR B 478 -2.96 29.91 -22.41
C THR B 478 -1.73 29.14 -22.86
N THR B 479 -1.69 28.77 -24.14
CA THR B 479 -0.54 28.16 -24.78
C THR B 479 -0.17 29.00 -26.02
N THR B 480 1.06 28.87 -26.52
CA THR B 480 1.43 29.54 -27.77
C THR B 480 1.32 28.57 -28.93
N PHE B 481 1.28 29.12 -30.14
CA PHE B 481 1.21 28.33 -31.37
C PHE B 481 2.35 27.31 -31.44
N LEU B 482 3.57 27.76 -31.15
CA LEU B 482 4.74 26.89 -31.13
C LEU B 482 4.65 25.78 -30.08
N GLU B 483 4.17 26.13 -28.89
CA GLU B 483 3.96 25.14 -27.82
C GLU B 483 3.01 24.02 -28.26
N ARG B 484 1.94 24.41 -28.96
CA ARG B 484 0.95 23.44 -29.45
C ARG B 484 1.48 22.57 -30.59
N HIS B 485 2.35 23.13 -31.44
CA HIS B 485 2.68 22.45 -32.71
C HIS B 485 4.11 21.98 -32.95
N LEU B 486 5.06 22.44 -32.14
CA LEU B 486 6.44 21.93 -32.27
C LEU B 486 6.47 20.42 -32.06
N PRO B 487 7.30 19.72 -32.86
CA PRO B 487 7.36 18.26 -32.76
C PRO B 487 8.10 17.79 -31.51
N SER B 488 7.84 16.56 -31.10
CA SER B 488 8.65 15.87 -30.10
C SER B 488 10.00 15.50 -30.72
N VAL B 489 10.91 14.95 -29.91
CA VAL B 489 12.21 14.47 -30.41
C VAL B 489 12.05 13.39 -31.49
N PRO B 490 11.26 12.31 -31.22
CA PRO B 490 11.03 11.30 -32.26
C PRO B 490 10.22 11.80 -33.46
N GLY B 491 9.37 12.81 -33.25
CA GLY B 491 8.66 13.48 -34.33
C GLY B 491 9.61 14.23 -35.26
N LEU B 492 10.63 14.87 -34.68
CA LEU B 492 11.68 15.52 -35.45
C LEU B 492 12.55 14.49 -36.16
N LEU B 493 12.75 13.33 -35.52
CA LEU B 493 13.52 12.23 -36.11
C LEU B 493 12.82 11.58 -37.29
N ARG B 494 11.48 11.53 -37.24
CA ARG B 494 10.68 10.94 -38.30
C ARG B 494 10.59 11.85 -39.53
N LEU B 495 10.76 13.15 -39.30
CA LEU B 495 10.86 14.12 -40.37
C LEU B 495 12.27 14.09 -40.97
N ILE B 496 13.14 13.27 -40.38
CA ILE B 496 14.50 13.05 -40.88
C ILE B 496 14.74 11.57 -41.17
PA FAD C . -2.19 -15.34 10.73
O1A FAD C . -2.85 -14.31 9.87
O2A FAD C . -2.59 -16.77 10.33
O5B FAD C . -2.55 -15.07 12.28
C5B FAD C . -2.82 -13.77 12.75
C4B FAD C . -3.86 -13.87 13.86
O4B FAD C . -3.99 -12.62 14.50
C3B FAD C . -5.24 -14.22 13.31
O3B FAD C . -5.74 -15.33 14.06
C2B FAD C . -6.06 -12.96 13.48
O2B FAD C . -7.44 -13.22 13.72
C1B FAD C . -5.35 -12.29 14.65
N9A FAD C . -5.47 -10.83 14.72
C8A FAD C . -5.45 -9.89 13.70
N7A FAD C . -5.59 -8.66 14.27
C5A FAD C . -5.69 -8.79 15.60
C6A FAD C . -5.85 -7.89 16.65
N6A FAD C . -5.94 -6.57 16.43
N1A FAD C . -5.92 -8.37 17.94
C2A FAD C . -5.84 -9.73 18.21
N3A FAD C . -5.70 -10.61 17.18
C4A FAD C . -5.61 -10.15 15.90
N1 FAD C . 0.76 -21.55 3.61
C2 FAD C . 1.32 -22.81 3.51
O2 FAD C . 2.29 -23.10 4.21
N3 FAD C . 0.80 -23.75 2.63
C4 FAD C . -0.31 -23.42 1.86
O4 FAD C . -0.76 -24.28 1.11
C4X FAD C . -0.88 -22.16 1.94
N5 FAD C . -1.94 -21.79 1.13
C5X FAD C . -2.70 -20.66 1.45
C6 FAD C . -3.97 -20.51 0.90
C7 FAD C . -4.84 -19.54 1.40
C7M FAD C . -6.20 -19.46 0.75
C8 FAD C . -4.46 -18.74 2.50
C8M FAD C . -5.37 -17.70 3.13
C9 FAD C . -3.18 -18.90 3.04
C9A FAD C . -2.28 -19.86 2.53
N10 FAD C . -0.98 -20.00 3.00
C10 FAD C . -0.35 -21.22 2.84
C1' FAD C . -0.38 -18.99 3.95
C2' FAD C . -0.50 -19.39 5.43
O2' FAD C . -1.85 -19.62 5.79
C3' FAD C . 0.04 -18.24 6.29
O3' FAD C . 1.39 -17.98 5.89
C4' FAD C . 0.06 -18.53 7.78
O4' FAD C . -1.13 -19.15 8.21
C5' FAD C . 0.23 -17.20 8.52
O5' FAD C . 0.39 -17.46 9.90
P FAD C . 0.59 -16.19 10.86
O1P FAD C . 0.41 -16.67 12.25
O2P FAD C . 1.89 -15.43 10.58
O3P FAD C . -0.47 -15.18 10.58
O4 P1B D . 2.50 -20.61 -3.31
C4 P1B D . 1.63 -21.38 -3.72
N3 P1B D . 0.65 -21.85 -2.91
C5 P1B D . 1.59 -21.87 -5.17
S1 P1B D . 0.29 -23.10 -5.08
C2 P1B D . -0.06 -22.89 -3.42
O2 P1B D . -0.85 -23.58 -2.79
C6 P1B D . 2.92 -22.51 -5.53
C21 P1B D . 6.66 -22.54 -14.05
C7 P1B D . 3.06 -22.68 -7.04
C12 P1B D . 2.74 -23.90 -7.66
C11 P1B D . 2.90 -24.02 -9.04
C10 P1B D . 3.37 -22.94 -9.79
C9 P1B D . 3.68 -21.73 -9.16
C8 P1B D . 3.53 -21.60 -7.79
O13 P1B D . 3.54 -22.99 -11.14
C14 P1B D . 2.90 -24.04 -11.89
C15 P1B D . 3.12 -23.76 -13.38
C24 P1B D . 9.65 -23.48 -13.29
C23 P1B D . 8.81 -23.84 -14.52
C20 P1B D . 7.31 -23.77 -14.22
C19 P1B D . 6.56 -24.95 -14.11
N18 P1B D . 5.26 -24.91 -13.85
C22 P1B D . 5.30 -22.53 -13.78
C17 P1B D . 4.61 -23.74 -13.68
PA FAD E . -7.09 15.74 7.56
O1A FAD E . -6.03 14.68 7.66
O2A FAD E . -6.51 17.14 7.63
O5B FAD E . -8.13 15.56 8.77
C5B FAD E . -8.44 14.29 9.28
C4B FAD E . -8.66 14.44 10.77
O4B FAD E . -9.11 13.20 11.28
C3B FAD E . -7.38 14.79 11.53
O3B FAD E . -7.63 15.88 12.39
C2B FAD E . -7.06 13.52 12.29
O2B FAD E . -6.39 13.81 13.52
C1B FAD E . -8.43 12.90 12.48
N9A FAD E . -8.46 11.44 12.71
C8A FAD E . -7.66 10.46 12.15
N7A FAD E . -8.04 9.26 12.64
C5A FAD E . -9.07 9.45 13.51
C6A FAD E . -9.83 8.57 14.31
N6A FAD E . -9.63 7.24 14.26
N1A FAD E . -10.84 9.09 15.11
C2A FAD E . -11.09 10.45 15.14
N3A FAD E . -10.34 11.30 14.37
C4A FAD E . -9.34 10.81 13.57
N1 FAD E . -3.10 21.71 0.76
C2 FAD E . -3.35 22.94 0.19
O2 FAD E . -4.49 23.24 -0.16
N3 FAD E . -2.33 23.86 0.08
C4 FAD E . -1.04 23.55 0.48
O4 FAD E . -0.14 24.39 0.38
C4X FAD E . -0.78 22.31 1.05
N5 FAD E . 0.51 21.96 1.47
C5X FAD E . 0.72 20.82 2.22
C6 FAD E . 1.94 20.65 2.89
C7 FAD E . 2.05 19.72 3.93
C7M FAD E . 3.39 19.59 4.59
C8 FAD E . 0.94 18.95 4.32
C8M FAD E . 1.00 17.94 5.45
C9 FAD E . -0.28 19.13 3.65
C9A FAD E . -0.39 20.06 2.59
N10 FAD E . -1.57 20.19 1.85
C10 FAD E . -1.82 21.39 1.20
C1' FAD E . -2.67 19.17 1.98
C2' FAD E . -3.84 19.66 2.86
O2' FAD E . -3.33 20.03 4.13
C3' FAD E . -4.88 18.55 2.97
O3' FAD E . -5.39 18.26 1.68
C4' FAD E . -6.08 18.84 3.90
O4' FAD E . -5.64 19.43 5.11
C5' FAD E . -6.79 17.54 4.21
O5' FAD E . -7.99 17.82 4.93
P FAD E . -8.91 16.61 5.42
O1P FAD E . -9.92 17.17 6.33
O2P FAD E . -9.45 15.84 4.23
O3P FAD E . -8.08 15.64 6.18
O4 P1B F . 1.39 20.51 -4.61
C4 P1B F . 2.21 21.34 -4.24
N3 P1B F . 2.15 21.94 -3.03
C5 P1B F . 3.38 21.78 -5.12
S1 P1B F . 4.12 23.08 -4.13
C2 P1B F . 3.00 22.94 -2.83
O2 P1B F . 2.99 23.67 -1.83
C6 P1B F . 2.87 22.36 -6.43
C21 P1B F . 7.74 22.03 -14.56
C7 P1B F . 4.00 22.48 -7.43
C12 P1B F . 4.71 23.69 -7.59
C11 P1B F . 5.73 23.77 -8.53
C10 P1B F . 6.05 22.65 -9.31
C9 P1B F . 5.34 21.46 -9.15
C8 P1B F . 4.31 21.37 -8.22
O13 P1B F . 7.05 22.65 -10.24
C14 P1B F . 8.01 23.71 -10.25
C15 P1B F . 9.09 23.28 -11.24
C24 P1B F . 5.22 22.90 -16.50
C23 P1B F . 6.70 23.31 -16.50
C20 P1B F . 7.33 23.25 -15.11
C19 P1B F . 7.52 24.42 -14.39
N18 P1B F . 8.06 24.39 -13.18
C22 P1B F . 8.32 22.03 -13.29
C17 P1B F . 8.48 23.24 -12.62
#